data_5EAF
#
_entry.id   5EAF
#
_cell.length_a   67.560
_cell.length_b   79.600
_cell.length_c   81.130
_cell.angle_alpha   99.960
_cell.angle_beta   90.000
_cell.angle_gamma   90.000
#
_symmetry.space_group_name_H-M   'P 1'
#
loop_
_entity.id
_entity.type
_entity.pdbx_description
1 polymer 'Lanosterol 14-alpha demethylase'
2 non-polymer 'PROTOPORPHYRIN IX CONTAINING FE'
3 non-polymer 3-(2,4-dichlorophenyl)-6-fluoranyl-2-(1,2,4-triazol-1-yl)quinazolin-4-one
4 water water
#
_entity_poly.entity_id   1
_entity_poly.type   'polypeptide(L)'
_entity_poly.pdbx_seq_one_letter_code
;MSATKSIVGEALEYVNIGLSHFLALPLAQRISLIIIIPFIYNIVWQLLYSLRKDRPPLVFYWIPWVGSAVVYGMKPYEFF
EECQKKYGDIFSFVLLGRVMTVYLGPKGHEFVFNAKLADVSAEAAYAHLTTPVFGKGVIYDCPNSRLMEQKKFVKGALTK
EAFKSYVPLIAEEVYKYFRDSKNFRLNERTTGTIDVMVTQPEMTIFTASRSLLGKEMRAKLDTDFAYLYSDLDKGFTPIN
FVFPNLPLEHYRKRDHAQKAISGTYMSLIKERRKNNDIQDRDLIDSLMKNSTYKDGVKMTDQEIANLLIGVLMGGQHTSA
ATSAWILLHLAERPDVQQELYEEQMRVLDGGKKELTYDLLQEMPLLNQTIKETLRMHHPLHSLFRKVMKDMHVPNTSYAI
PAGYHVLVSPGYTHLRDEYFPNAHQFNIHRWNNDSASSYSVGEEVDYGFGAISKGVSSPYLPFGGGRHRCIGEHFAYCQL
GVLMSIFIRTLKWHYPEGKTVPPPDFTSMVTLPTGPAKIIWEKRNPEQKIGGRHHHHHH
;
_entity_poly.pdbx_strand_id   A,B
#
loop_
_chem_comp.id
_chem_comp.type
_chem_comp.name
_chem_comp.formula
FQC non-polymer 3-(2,4-dichlorophenyl)-6-fluoranyl-2-(1,2,4-triazol-1-yl)quinazolin-4-one 'C16 H8 Cl2 F N5 O'
HEM non-polymer 'PROTOPORPHYRIN IX CONTAINING FE' 'C34 H32 Fe N4 O4'
#
# COMPACT_ATOMS: atom_id res chain seq x y z
N VAL A 8 7.00 -58.50 63.86
CA VAL A 8 6.96 -57.98 62.50
C VAL A 8 6.81 -59.11 61.51
N GLY A 9 7.20 -60.31 61.93
CA GLY A 9 7.13 -61.45 61.05
C GLY A 9 5.67 -61.79 60.80
N GLU A 10 4.81 -61.42 61.75
CA GLU A 10 3.37 -61.56 61.55
C GLU A 10 2.80 -60.44 60.70
N ALA A 11 3.61 -59.46 60.37
CA ALA A 11 3.25 -58.46 59.37
C ALA A 11 3.80 -58.84 58.00
N LEU A 12 4.93 -59.53 57.98
CA LEU A 12 5.53 -59.95 56.73
C LEU A 12 4.74 -61.11 56.11
N GLU A 13 4.08 -61.89 56.98
CA GLU A 13 3.05 -62.82 56.54
C GLU A 13 1.91 -62.04 55.87
N TYR A 14 1.66 -60.82 56.32
CA TYR A 14 0.44 -60.17 55.89
C TYR A 14 0.62 -59.37 54.63
N VAL A 15 1.84 -58.94 54.35
CA VAL A 15 2.10 -58.34 53.05
C VAL A 15 1.84 -59.39 51.99
N ASN A 16 2.33 -60.59 52.30
CA ASN A 16 2.12 -61.79 51.49
C ASN A 16 0.64 -62.06 51.27
N ILE A 17 -0.09 -62.24 52.38
CA ILE A 17 -1.56 -62.41 52.31
C ILE A 17 -2.25 -61.34 51.49
N GLY A 18 -1.95 -60.09 51.81
CA GLY A 18 -2.57 -58.95 51.16
C GLY A 18 -2.30 -58.97 49.69
N LEU A 19 -1.06 -59.32 49.34
CA LEU A 19 -0.69 -59.50 47.95
C LEU A 19 -1.61 -60.49 47.22
N SER A 20 -1.92 -61.62 47.85
CA SER A 20 -2.76 -62.61 47.19
C SER A 20 -4.17 -62.06 47.01
N HIS A 21 -4.69 -61.42 48.04
CA HIS A 21 -6.03 -60.82 47.95
C HIS A 21 -6.14 -59.79 46.86
N PHE A 22 -5.03 -59.12 46.51
CA PHE A 22 -5.09 -58.16 45.42
C PHE A 22 -5.34 -58.88 44.10
N LEU A 23 -4.60 -59.96 43.90
CA LEU A 23 -4.74 -60.80 42.71
C LEU A 23 -6.14 -61.42 42.61
N ALA A 24 -6.90 -61.34 43.70
CA ALA A 24 -8.29 -61.82 43.74
C ALA A 24 -9.31 -60.68 43.85
N LEU A 25 -9.01 -59.53 43.26
CA LEU A 25 -10.03 -58.50 43.12
C LEU A 25 -10.81 -58.78 41.83
N PRO A 26 -12.09 -58.37 41.80
CA PRO A 26 -12.90 -58.47 40.58
C PRO A 26 -12.27 -57.64 39.49
N LEU A 27 -12.59 -57.90 38.22
CA LEU A 27 -11.86 -57.20 37.18
C LEU A 27 -12.37 -55.76 37.09
N ALA A 28 -13.51 -55.51 37.73
CA ALA A 28 -13.98 -54.15 37.93
C ALA A 28 -12.93 -53.35 38.69
N GLN A 29 -12.51 -53.88 39.83
CA GLN A 29 -11.58 -53.17 40.69
C GLN A 29 -10.14 -53.35 40.22
N ARG A 30 -9.89 -54.39 39.43
CA ARG A 30 -8.54 -54.61 38.91
C ARG A 30 -8.25 -53.56 37.85
N ILE A 31 -9.16 -53.39 36.90
CA ILE A 31 -9.03 -52.30 35.93
C ILE A 31 -9.06 -50.95 36.60
N SER A 32 -9.97 -50.79 37.56
CA SER A 32 -10.04 -49.54 38.30
C SER A 32 -8.70 -49.22 38.93
N LEU A 33 -7.98 -50.23 39.40
CA LEU A 33 -6.69 -49.99 40.05
C LEU A 33 -5.54 -49.75 39.08
N ILE A 34 -5.55 -50.41 37.92
CA ILE A 34 -4.47 -50.24 36.97
C ILE A 34 -4.57 -48.83 36.34
N ILE A 35 -5.66 -48.12 36.59
CA ILE A 35 -5.72 -46.73 36.16
C ILE A 35 -5.53 -45.75 37.31
N ILE A 36 -5.89 -46.11 38.54
CA ILE A 36 -5.76 -45.15 39.63
C ILE A 36 -4.38 -45.23 40.28
N ILE A 37 -3.78 -46.41 40.28
CA ILE A 37 -2.41 -46.51 40.80
C ILE A 37 -1.44 -45.66 39.97
N PRO A 38 -1.51 -45.74 38.63
CA PRO A 38 -0.57 -44.86 37.93
C PRO A 38 -0.93 -43.35 38.01
N PHE A 39 -2.22 -43.01 38.10
CA PHE A 39 -2.62 -41.61 38.22
C PHE A 39 -2.08 -41.00 39.51
N ILE A 40 -2.15 -41.75 40.62
CA ILE A 40 -1.71 -41.23 41.91
C ILE A 40 -0.20 -41.12 41.97
N TYR A 41 0.52 -42.11 41.43
CA TYR A 41 1.99 -42.08 41.49
C TYR A 41 2.53 -40.93 40.65
N ASN A 42 1.85 -40.68 39.54
CA ASN A 42 2.18 -39.56 38.68
C ASN A 42 2.11 -38.25 39.47
N ILE A 43 1.00 -38.04 40.17
CA ILE A 43 0.80 -36.82 40.94
C ILE A 43 1.79 -36.73 42.09
N VAL A 44 2.15 -37.86 42.66
CA VAL A 44 3.11 -37.87 43.76
C VAL A 44 4.52 -37.60 43.26
N TRP A 45 4.87 -38.18 42.12
CA TRP A 45 6.23 -38.02 41.59
C TRP A 45 6.52 -36.56 41.27
N GLN A 46 5.51 -35.85 40.75
CA GLN A 46 5.64 -34.44 40.44
C GLN A 46 5.93 -33.59 41.68
N LEU A 47 5.12 -33.75 42.73
CA LEU A 47 5.38 -33.08 44.01
C LEU A 47 6.79 -33.35 44.50
N LEU A 48 7.23 -34.59 44.36
CA LEU A 48 8.59 -34.95 44.75
C LEU A 48 9.58 -34.21 43.86
N TYR A 49 9.28 -34.17 42.56
CA TYR A 49 10.16 -33.54 41.56
C TYR A 49 10.44 -32.07 41.87
N SER A 50 9.40 -31.35 42.30
CA SER A 50 9.46 -29.90 42.52
C SER A 50 10.41 -29.50 43.65
N LEU A 51 10.95 -30.50 44.36
CA LEU A 51 11.86 -30.27 45.48
C LEU A 51 13.30 -30.42 45.05
N ARG A 52 13.53 -30.84 43.81
CA ARG A 52 14.86 -30.77 43.23
C ARG A 52 15.24 -29.32 42.94
N LYS A 53 16.53 -29.05 43.04
CA LYS A 53 17.01 -27.71 42.83
C LYS A 53 17.96 -27.70 41.65
N ASP A 54 18.24 -28.87 41.09
CA ASP A 54 18.96 -28.95 39.82
C ASP A 54 18.03 -29.22 38.65
N ARG A 55 16.73 -29.09 38.91
CA ARG A 55 15.74 -29.27 37.85
C ARG A 55 14.90 -28.02 37.67
N PRO A 56 14.72 -27.59 36.41
CA PRO A 56 13.83 -26.50 36.06
C PRO A 56 12.41 -26.92 36.36
N PRO A 57 11.55 -25.98 36.78
CA PRO A 57 10.18 -26.27 37.19
C PRO A 57 9.48 -27.08 36.13
N LEU A 58 8.68 -28.07 36.54
CA LEU A 58 7.97 -28.92 35.61
C LEU A 58 6.50 -28.55 35.60
N VAL A 59 5.95 -28.30 34.42
CA VAL A 59 4.55 -27.92 34.34
C VAL A 59 3.66 -29.05 34.87
N PHE A 60 2.73 -28.70 35.76
CA PHE A 60 1.85 -29.69 36.34
C PHE A 60 0.85 -30.26 35.32
N TYR A 61 0.57 -31.55 35.43
CA TYR A 61 -0.40 -32.21 34.55
C TYR A 61 -1.13 -33.35 35.26
N TRP A 62 -2.35 -33.64 34.82
CA TRP A 62 -3.16 -34.72 35.39
C TRP A 62 -2.90 -36.08 34.72
N ILE A 63 -3.08 -36.13 33.40
CA ILE A 63 -2.95 -37.37 32.63
C ILE A 63 -1.50 -37.79 32.37
N PRO A 64 -1.12 -38.99 32.85
CA PRO A 64 0.26 -39.44 32.65
C PRO A 64 0.57 -39.72 31.20
N TRP A 65 1.86 -39.67 30.87
CA TRP A 65 2.37 -39.79 29.51
C TRP A 65 1.94 -38.69 28.53
N VAL A 66 0.64 -38.40 28.46
CA VAL A 66 0.11 -37.37 27.57
C VAL A 66 0.68 -35.98 27.97
N GLY A 67 0.64 -35.70 29.27
CA GLY A 67 1.18 -34.47 29.79
C GLY A 67 0.44 -33.29 29.22
N SER A 68 1.19 -32.21 28.99
CA SER A 68 0.62 -30.94 28.57
C SER A 68 0.39 -30.86 27.05
N ALA A 69 0.46 -32.00 26.38
CA ALA A 69 0.40 -32.10 24.91
C ALA A 69 -0.84 -31.45 24.32
N VAL A 70 -1.93 -31.42 25.07
CA VAL A 70 -3.13 -30.80 24.51
C VAL A 70 -2.91 -29.31 24.37
N VAL A 71 -2.68 -28.63 25.48
CA VAL A 71 -2.59 -27.17 25.41
C VAL A 71 -1.36 -26.75 24.59
N TYR A 72 -0.26 -27.47 24.72
CA TYR A 72 0.92 -27.15 23.94
C TYR A 72 0.60 -27.27 22.44
N GLY A 73 0.02 -28.39 22.05
CA GLY A 73 -0.24 -28.69 20.65
C GLY A 73 -1.23 -27.74 20.03
N MET A 74 -2.13 -27.22 20.85
CA MET A 74 -3.20 -26.38 20.31
C MET A 74 -2.78 -24.92 20.30
N LYS A 75 -2.30 -24.39 21.43
CA LYS A 75 -1.93 -22.97 21.51
C LYS A 75 -0.56 -22.77 22.18
N PRO A 76 0.53 -23.11 21.46
CA PRO A 76 1.86 -23.22 22.08
C PRO A 76 2.42 -21.89 22.57
N TYR A 77 2.13 -20.78 21.91
CA TYR A 77 2.63 -19.50 22.40
C TYR A 77 1.92 -19.10 23.68
N GLU A 78 0.62 -19.33 23.77
CA GLU A 78 -0.03 -19.01 25.02
C GLU A 78 0.32 -19.95 26.15
N PHE A 79 0.65 -21.17 25.81
CA PHE A 79 1.15 -22.09 26.81
C PHE A 79 2.46 -21.51 27.34
N PHE A 80 3.36 -21.20 26.40
CA PHE A 80 4.64 -20.61 26.72
C PHE A 80 4.50 -19.35 27.55
N GLU A 81 3.52 -18.49 27.22
CA GLU A 81 3.44 -17.25 27.96
C GLU A 81 3.02 -17.51 29.41
N GLU A 82 2.00 -18.33 29.65
CA GLU A 82 1.59 -18.58 31.02
C GLU A 82 2.67 -19.28 31.84
N CYS A 83 3.30 -20.31 31.26
CA CYS A 83 4.48 -20.92 31.90
C CYS A 83 5.56 -19.88 32.20
N GLN A 84 5.77 -18.95 31.29
CA GLN A 84 6.81 -17.96 31.47
C GLN A 84 6.49 -17.07 32.65
N LYS A 85 5.21 -16.83 32.88
CA LYS A 85 4.79 -15.94 33.93
C LYS A 85 4.91 -16.61 35.29
N LYS A 86 4.73 -17.92 35.39
CA LYS A 86 4.82 -18.55 36.72
C LYS A 86 6.19 -19.13 37.02
N TYR A 87 7.01 -19.35 36.00
CA TYR A 87 8.31 -19.97 36.24
C TYR A 87 9.50 -19.26 35.58
N GLY A 88 9.24 -18.19 34.85
CA GLY A 88 10.33 -17.55 34.14
C GLY A 88 10.68 -18.25 32.83
N ASP A 89 11.92 -18.11 32.40
CA ASP A 89 12.31 -18.54 31.07
C ASP A 89 12.68 -20.01 30.92
N ILE A 90 12.96 -20.69 32.03
CA ILE A 90 13.23 -22.12 31.89
C ILE A 90 12.20 -22.92 32.65
N PHE A 91 11.65 -23.92 31.98
CA PHE A 91 10.62 -24.76 32.54
C PHE A 91 10.54 -25.98 31.68
N SER A 92 10.17 -27.10 32.28
CA SER A 92 10.01 -28.34 31.54
C SER A 92 8.54 -28.64 31.52
N PHE A 93 8.14 -29.41 30.52
CA PHE A 93 6.78 -29.90 30.49
C PHE A 93 6.83 -31.25 29.81
N VAL A 94 5.78 -32.05 30.03
CA VAL A 94 5.75 -33.39 29.50
C VAL A 94 4.88 -33.44 28.26
N LEU A 95 5.35 -34.21 27.28
CA LEU A 95 4.74 -34.22 25.97
C LEU A 95 4.80 -35.64 25.39
N LEU A 96 3.62 -36.27 25.27
CA LEU A 96 3.44 -37.61 24.66
C LEU A 96 4.63 -38.52 24.90
N GLY A 97 4.98 -38.71 26.17
CA GLY A 97 6.05 -39.63 26.53
C GLY A 97 7.42 -39.03 26.70
N ARG A 98 7.58 -37.75 26.38
CA ARG A 98 8.90 -37.15 26.49
C ARG A 98 8.87 -35.95 27.43
N VAL A 99 10.04 -35.58 27.92
CA VAL A 99 10.12 -34.38 28.74
C VAL A 99 10.83 -33.26 27.98
N MET A 100 10.10 -32.18 27.77
CA MET A 100 10.61 -31.05 27.01
C MET A 100 11.03 -29.92 27.93
N THR A 101 12.31 -29.54 27.91
CA THR A 101 12.74 -28.35 28.65
C THR A 101 12.79 -27.16 27.72
N VAL A 102 11.88 -26.22 27.93
CA VAL A 102 11.79 -25.01 27.12
C VAL A 102 12.65 -23.90 27.69
N TYR A 103 13.50 -23.29 26.86
CA TYR A 103 14.22 -22.11 27.31
C TYR A 103 13.80 -20.96 26.41
N LEU A 104 12.95 -20.08 26.94
CA LEU A 104 12.47 -18.91 26.21
C LEU A 104 13.46 -17.71 26.17
N GLY A 105 13.54 -17.03 25.03
CA GLY A 105 14.32 -15.82 24.90
C GLY A 105 15.65 -16.05 24.23
N PRO A 106 16.40 -14.97 23.96
CA PRO A 106 17.72 -15.02 23.33
C PRO A 106 18.74 -15.98 24.02
N LYS A 107 18.76 -16.05 25.35
CA LYS A 107 19.67 -17.00 26.00
C LYS A 107 19.17 -18.42 25.76
N GLY A 108 17.89 -18.54 25.41
CA GLY A 108 17.37 -19.80 24.94
C GLY A 108 17.98 -20.21 23.63
N HIS A 109 18.02 -19.28 22.69
CA HIS A 109 18.55 -19.56 21.36
C HIS A 109 20.00 -20.02 21.51
N GLU A 110 20.70 -19.32 22.39
CA GLU A 110 22.10 -19.53 22.67
C GLU A 110 22.38 -20.92 23.23
N PHE A 111 21.62 -21.27 24.25
CA PHE A 111 21.74 -22.56 24.92
C PHE A 111 21.43 -23.77 24.03
N VAL A 112 20.65 -23.59 22.97
CA VAL A 112 20.23 -24.72 22.16
C VAL A 112 20.86 -24.75 20.77
N PHE A 113 20.92 -23.57 20.13
CA PHE A 113 21.51 -23.47 18.78
C PHE A 113 23.03 -23.54 18.85
N ASN A 114 23.62 -23.01 19.92
CA ASN A 114 25.06 -23.02 20.00
C ASN A 114 25.55 -24.17 20.90
N ALA A 115 24.66 -25.07 21.27
CA ALA A 115 25.01 -26.28 22.02
C ALA A 115 26.13 -27.06 21.34
N LYS A 116 27.03 -27.60 22.16
CA LYS A 116 28.17 -28.40 21.65
C LYS A 116 27.61 -29.59 20.90
N LEU A 117 28.30 -30.03 19.84
CA LEU A 117 27.86 -31.22 19.09
C LEU A 117 27.66 -32.42 20.01
N ALA A 118 28.54 -32.55 21.01
CA ALA A 118 28.49 -33.63 21.98
C ALA A 118 27.27 -33.60 22.91
N ASP A 119 26.72 -32.41 23.15
CA ASP A 119 25.61 -32.22 24.09
C ASP A 119 24.19 -32.57 23.60
N VAL A 120 23.87 -32.24 22.35
CA VAL A 120 22.50 -32.42 21.88
C VAL A 120 22.51 -33.09 20.54
N SER A 121 21.36 -33.66 20.16
CA SER A 121 21.24 -34.23 18.83
C SER A 121 19.96 -33.76 18.13
N ALA A 122 20.14 -33.21 16.94
CA ALA A 122 19.01 -32.82 16.11
C ALA A 122 18.44 -34.03 15.37
N GLU A 123 19.30 -34.88 14.82
CA GLU A 123 18.80 -36.02 14.03
C GLU A 123 18.09 -36.98 14.97
N ALA A 124 18.54 -37.05 16.22
CA ALA A 124 17.86 -37.88 17.21
C ALA A 124 16.44 -37.44 17.45
N ALA A 125 16.16 -36.19 17.13
CA ALA A 125 14.86 -35.61 17.44
C ALA A 125 13.93 -35.67 16.25
N TYR A 126 14.51 -35.59 15.06
CA TYR A 126 13.74 -35.30 13.87
C TYR A 126 13.61 -36.49 12.93
N ALA A 127 14.61 -37.38 12.98
CA ALA A 127 14.75 -38.46 11.99
C ALA A 127 13.53 -39.38 11.93
N HIS A 128 12.83 -39.50 13.05
CA HIS A 128 11.67 -40.35 13.13
C HIS A 128 10.51 -39.73 12.37
N LEU A 129 10.48 -38.41 12.31
CA LEU A 129 9.49 -37.70 11.50
C LEU A 129 9.87 -37.60 10.00
N THR A 130 11.14 -37.33 9.71
CA THR A 130 11.56 -37.00 8.34
C THR A 130 11.99 -38.17 7.49
N THR A 131 12.74 -39.12 8.07
CA THR A 131 13.27 -40.22 7.26
C THR A 131 12.22 -41.02 6.50
N PRO A 132 11.06 -41.37 7.14
CA PRO A 132 9.99 -42.04 6.39
C PRO A 132 9.60 -41.29 5.12
N VAL A 133 9.75 -39.97 5.18
CA VAL A 133 9.28 -39.09 4.14
C VAL A 133 10.34 -38.84 3.07
N PHE A 134 11.56 -38.55 3.47
CA PHE A 134 12.57 -38.15 2.49
C PHE A 134 13.26 -39.33 1.84
N GLY A 135 13.38 -40.43 2.58
CA GLY A 135 14.22 -41.52 2.15
C GLY A 135 15.37 -41.66 3.12
N LYS A 136 16.44 -42.31 2.69
CA LYS A 136 17.51 -42.73 3.58
C LYS A 136 18.84 -42.09 3.25
N GLY A 137 19.72 -42.11 4.24
CA GLY A 137 21.10 -41.71 4.05
C GLY A 137 21.28 -40.21 3.91
N VAL A 138 20.21 -39.47 4.22
CA VAL A 138 20.19 -38.02 4.02
C VAL A 138 19.54 -37.27 5.18
N ILE A 139 19.93 -36.00 5.32
CA ILE A 139 19.35 -35.08 6.31
C ILE A 139 19.56 -35.53 7.74
N TYR A 140 18.60 -36.28 8.27
CA TYR A 140 18.62 -36.70 9.66
C TYR A 140 18.86 -38.21 9.72
N ASP A 141 19.13 -38.79 8.57
CA ASP A 141 19.42 -40.19 8.49
C ASP A 141 20.86 -40.37 8.07
N CYS A 142 21.73 -39.64 8.75
CA CYS A 142 23.15 -39.77 8.56
C CYS A 142 23.80 -39.09 9.76
N PRO A 143 25.12 -39.20 9.91
CA PRO A 143 25.73 -38.45 11.02
C PRO A 143 25.85 -36.95 10.71
N ASN A 144 25.83 -36.13 11.76
CA ASN A 144 25.80 -34.67 11.63
C ASN A 144 26.78 -34.13 10.61
N SER A 145 27.91 -34.81 10.51
CA SER A 145 29.00 -34.49 9.60
C SER A 145 28.55 -34.59 8.15
N ARG A 146 27.73 -35.60 7.88
CA ARG A 146 27.23 -35.82 6.54
C ARG A 146 26.24 -34.69 6.22
N LEU A 147 25.29 -34.50 7.12
CA LEU A 147 24.39 -33.35 7.04
C LEU A 147 25.16 -32.08 6.65
N MET A 148 26.23 -31.79 7.39
CA MET A 148 26.98 -30.57 7.17
C MET A 148 27.46 -30.41 5.73
N GLU A 149 27.81 -31.52 5.11
CA GLU A 149 28.35 -31.49 3.74
C GLU A 149 27.22 -31.49 2.75
N GLN A 150 26.09 -32.08 3.14
CA GLN A 150 24.93 -32.08 2.27
C GLN A 150 24.44 -30.65 2.14
N LYS A 151 24.36 -29.94 3.25
CA LYS A 151 24.03 -28.51 3.23
C LYS A 151 25.04 -27.74 2.35
N LYS A 152 26.31 -28.11 2.44
CA LYS A 152 27.34 -27.51 1.59
C LYS A 152 27.04 -27.75 0.12
N PHE A 153 26.48 -28.92 -0.19
CA PHE A 153 26.14 -29.26 -1.57
C PHE A 153 25.01 -28.38 -2.06
N VAL A 154 23.84 -28.60 -1.49
CA VAL A 154 22.62 -27.85 -1.80
C VAL A 154 22.90 -26.37 -1.97
N LYS A 155 23.50 -25.81 -0.92
CA LYS A 155 23.88 -24.38 -0.87
C LYS A 155 24.82 -23.97 -2.00
N GLY A 156 25.35 -24.94 -2.72
CA GLY A 156 26.20 -24.68 -3.85
C GLY A 156 25.37 -24.51 -5.09
N ALA A 157 24.07 -24.71 -4.98
CA ALA A 157 23.17 -24.42 -6.08
C ALA A 157 22.27 -23.29 -5.66
N LEU A 158 22.65 -22.65 -4.56
CA LEU A 158 21.87 -21.52 -4.08
C LEU A 158 22.80 -20.34 -4.13
N THR A 159 23.30 -20.03 -5.32
CA THR A 159 24.21 -18.91 -5.50
C THR A 159 23.51 -17.72 -6.14
N LYS A 160 24.14 -16.55 -6.04
CA LYS A 160 23.61 -15.33 -6.59
C LYS A 160 23.32 -15.47 -8.09
N GLU A 161 24.19 -16.20 -8.80
CA GLU A 161 24.00 -16.46 -10.23
C GLU A 161 22.92 -17.51 -10.46
N ALA A 162 22.81 -18.47 -9.56
CA ALA A 162 21.66 -19.38 -9.59
C ALA A 162 20.38 -18.54 -9.48
N PHE A 163 20.34 -17.68 -8.46
CA PHE A 163 19.17 -16.84 -8.22
C PHE A 163 18.85 -15.96 -9.42
N LYS A 164 19.87 -15.57 -10.18
CA LYS A 164 19.64 -14.76 -11.37
C LYS A 164 19.02 -15.55 -12.52
N SER A 165 19.17 -16.86 -12.50
CA SER A 165 18.50 -17.64 -13.52
C SER A 165 17.11 -18.07 -13.06
N TYR A 166 16.97 -18.34 -11.76
CA TYR A 166 15.69 -18.77 -11.22
C TYR A 166 14.59 -17.70 -11.33
N VAL A 167 14.97 -16.43 -11.25
CA VAL A 167 13.99 -15.34 -11.15
C VAL A 167 13.08 -15.28 -12.37
N PRO A 168 13.64 -15.23 -13.60
CA PRO A 168 12.66 -15.29 -14.72
C PRO A 168 11.83 -16.58 -14.79
N LEU A 169 12.39 -17.72 -14.37
CA LEU A 169 11.68 -18.99 -14.41
C LEU A 169 10.50 -18.95 -13.46
N ILE A 170 10.76 -18.41 -12.26
CA ILE A 170 9.74 -18.28 -11.23
C ILE A 170 8.63 -17.32 -11.65
N ALA A 171 9.03 -16.28 -12.35
CA ALA A 171 8.09 -15.29 -12.79
C ALA A 171 7.18 -15.91 -13.84
N GLU A 172 7.81 -16.68 -14.74
CA GLU A 172 7.07 -17.35 -15.80
C GLU A 172 5.97 -18.20 -15.19
N GLU A 173 6.35 -18.96 -14.16
CA GLU A 173 5.40 -19.77 -13.43
C GLU A 173 4.26 -19.00 -12.77
N VAL A 174 4.55 -17.85 -12.20
CA VAL A 174 3.49 -17.08 -11.58
C VAL A 174 2.51 -16.64 -12.67
N TYR A 175 3.08 -16.09 -13.74
CA TYR A 175 2.24 -15.65 -14.83
C TYR A 175 1.44 -16.81 -15.42
N LYS A 176 2.07 -17.96 -15.64
CA LYS A 176 1.32 -19.13 -16.14
C LYS A 176 0.21 -19.47 -15.18
N TYR A 177 0.50 -19.36 -13.88
CA TYR A 177 -0.50 -19.69 -12.87
C TYR A 177 -1.69 -18.77 -12.95
N PHE A 178 -1.46 -17.47 -13.13
CA PHE A 178 -2.53 -16.49 -13.24
C PHE A 178 -3.38 -16.71 -14.45
N ARG A 179 -2.73 -17.03 -15.56
CA ARG A 179 -3.40 -17.38 -16.80
C ARG A 179 -4.24 -18.68 -16.72
N ASP A 180 -3.66 -19.75 -16.17
CA ASP A 180 -4.25 -21.08 -16.33
C ASP A 180 -5.01 -21.63 -15.13
N SER A 181 -4.71 -21.17 -13.93
CA SER A 181 -5.41 -21.75 -12.79
C SER A 181 -6.87 -21.34 -12.80
N LYS A 182 -7.73 -22.27 -12.43
CA LYS A 182 -9.15 -21.99 -12.23
C LYS A 182 -9.38 -20.93 -11.15
N ASN A 183 -8.41 -20.79 -10.22
CA ASN A 183 -8.51 -19.76 -9.19
C ASN A 183 -8.37 -18.34 -9.73
N PHE A 184 -7.68 -18.18 -10.85
CA PHE A 184 -7.51 -16.85 -11.42
C PHE A 184 -8.14 -16.75 -12.82
N ARG A 185 -7.44 -17.18 -13.86
CA ARG A 185 -7.84 -16.97 -15.24
C ARG A 185 -7.97 -15.48 -15.46
N LEU A 186 -6.84 -14.79 -15.38
CA LEU A 186 -6.87 -13.34 -15.48
C LEU A 186 -7.29 -12.93 -16.90
N ASN A 187 -7.07 -13.80 -17.89
CA ASN A 187 -7.48 -13.50 -19.27
C ASN A 187 -8.98 -13.60 -19.51
N GLU A 188 -9.72 -14.15 -18.55
CA GLU A 188 -11.17 -14.32 -18.71
C GLU A 188 -11.96 -13.74 -17.53
N ARG A 189 -11.29 -13.42 -16.42
CA ARG A 189 -11.97 -12.80 -15.28
C ARG A 189 -11.14 -11.62 -14.75
N THR A 190 -11.81 -10.55 -14.32
CA THR A 190 -11.12 -9.38 -13.80
C THR A 190 -11.22 -9.38 -12.29
N THR A 191 -12.03 -10.30 -11.77
CA THR A 191 -12.17 -10.38 -10.33
C THR A 191 -12.63 -11.76 -9.86
N GLY A 192 -12.33 -12.11 -8.61
CA GLY A 192 -12.69 -13.41 -8.09
C GLY A 192 -12.33 -13.59 -6.64
N THR A 193 -12.64 -14.76 -6.10
CA THR A 193 -12.30 -15.09 -4.72
C THR A 193 -11.38 -16.33 -4.73
N ILE A 194 -10.36 -16.31 -3.89
CA ILE A 194 -9.48 -17.45 -3.75
C ILE A 194 -9.30 -17.81 -2.30
N ASP A 195 -9.06 -19.09 -2.05
CA ASP A 195 -8.58 -19.53 -0.77
C ASP A 195 -7.05 -19.46 -0.87
N VAL A 196 -6.43 -18.67 -0.01
CA VAL A 196 -4.99 -18.51 -0.12
C VAL A 196 -4.34 -19.83 0.24
N MET A 197 -5.02 -20.60 1.09
CA MET A 197 -4.49 -21.89 1.46
C MET A 197 -4.54 -22.90 0.33
N VAL A 198 -5.35 -22.63 -0.69
CA VAL A 198 -5.36 -23.45 -1.90
C VAL A 198 -4.31 -22.96 -2.89
N THR A 199 -4.32 -21.66 -3.17
CA THR A 199 -3.42 -21.08 -4.17
C THR A 199 -1.91 -21.13 -3.84
N GLN A 200 -1.58 -20.92 -2.58
CA GLN A 200 -0.17 -20.67 -2.23
C GLN A 200 0.66 -21.94 -2.26
N PRO A 201 0.07 -23.07 -1.82
CA PRO A 201 0.78 -24.32 -2.01
C PRO A 201 1.02 -24.71 -3.48
N GLU A 202 0.08 -24.44 -4.40
CA GLU A 202 0.33 -24.78 -5.82
C GLU A 202 1.40 -23.90 -6.42
N MET A 203 1.34 -22.62 -6.04
CA MET A 203 2.29 -21.62 -6.52
C MET A 203 3.67 -21.92 -5.96
N THR A 204 3.72 -22.37 -4.72
CA THR A 204 5.01 -22.72 -4.16
C THR A 204 5.63 -23.91 -4.89
N ILE A 205 4.85 -24.98 -5.08
CA ILE A 205 5.38 -26.21 -5.69
C ILE A 205 5.74 -25.95 -7.16
N PHE A 206 4.86 -25.30 -7.91
CA PHE A 206 5.18 -24.90 -9.26
C PHE A 206 6.47 -24.11 -9.46
N THR A 207 6.67 -23.07 -8.68
CA THR A 207 7.85 -22.25 -8.84
C THR A 207 9.08 -23.00 -8.33
N ALA A 208 8.96 -23.61 -7.15
CA ALA A 208 10.10 -24.36 -6.61
C ALA A 208 10.51 -25.49 -7.55
N SER A 209 9.52 -26.28 -8.01
CA SER A 209 9.80 -27.38 -8.96
C SER A 209 10.56 -26.93 -10.20
N ARG A 210 10.04 -25.88 -10.82
CA ARG A 210 10.58 -25.40 -12.09
C ARG A 210 12.02 -24.92 -11.95
N SER A 211 12.39 -24.44 -10.77
CA SER A 211 13.69 -23.79 -10.62
C SER A 211 14.73 -24.69 -9.99
N LEU A 212 14.36 -25.32 -8.88
CA LEU A 212 15.29 -26.22 -8.22
C LEU A 212 15.39 -27.57 -8.93
N LEU A 213 14.27 -28.10 -9.43
CA LEU A 213 14.25 -29.46 -10.01
C LEU A 213 14.25 -29.47 -11.54
N GLY A 214 14.02 -28.30 -12.14
CA GLY A 214 14.10 -28.21 -13.58
C GLY A 214 12.78 -28.44 -14.30
N LYS A 215 12.77 -28.23 -15.61
CA LYS A 215 11.55 -28.19 -16.39
C LYS A 215 10.89 -29.53 -16.62
N GLU A 216 11.70 -30.60 -16.66
CA GLU A 216 11.15 -31.95 -16.70
C GLU A 216 10.26 -32.17 -15.48
N MET A 217 10.85 -31.97 -14.31
CA MET A 217 10.15 -32.23 -13.07
C MET A 217 8.95 -31.35 -12.85
N ARG A 218 9.03 -30.11 -13.35
CA ARG A 218 7.90 -29.21 -13.22
C ARG A 218 6.75 -29.73 -14.08
N ALA A 219 7.06 -30.19 -15.29
CA ALA A 219 6.04 -30.66 -16.24
C ALA A 219 5.21 -31.82 -15.67
N LYS A 220 5.84 -32.72 -14.93
CA LYS A 220 5.14 -33.87 -14.36
C LYS A 220 4.04 -33.45 -13.40
N LEU A 221 4.11 -32.22 -12.92
CA LEU A 221 3.11 -31.71 -12.00
C LEU A 221 1.80 -31.38 -12.73
N ASP A 222 1.85 -31.34 -14.06
CA ASP A 222 0.65 -31.12 -14.86
C ASP A 222 -0.10 -32.44 -15.09
N THR A 223 0.35 -33.50 -14.42
CA THR A 223 -0.22 -34.82 -14.64
C THR A 223 -0.72 -35.44 -13.34
N ASP A 224 -1.05 -36.72 -13.38
CA ASP A 224 -1.49 -37.46 -12.20
C ASP A 224 -0.37 -37.57 -11.19
N PHE A 225 0.86 -37.52 -11.70
CA PHE A 225 2.06 -37.60 -10.88
C PHE A 225 2.03 -36.63 -9.72
N ALA A 226 1.41 -35.48 -9.94
CA ALA A 226 1.31 -34.46 -8.92
C ALA A 226 0.72 -34.98 -7.62
N TYR A 227 -0.20 -35.93 -7.71
CA TYR A 227 -0.84 -36.48 -6.51
C TYR A 227 0.15 -37.15 -5.57
N LEU A 228 1.25 -37.65 -6.10
CA LEU A 228 2.30 -38.26 -5.28
C LEU A 228 2.95 -37.24 -4.32
N TYR A 229 3.07 -35.98 -4.76
CA TYR A 229 3.53 -34.91 -3.87
C TYR A 229 2.53 -34.71 -2.79
N SER A 230 1.26 -34.82 -3.14
CA SER A 230 0.20 -34.69 -2.17
C SER A 230 0.19 -35.87 -1.18
N ASP A 231 0.59 -37.06 -1.63
CA ASP A 231 0.62 -38.22 -0.74
C ASP A 231 1.76 -38.13 0.24
N LEU A 232 2.91 -37.76 -0.30
CA LEU A 232 4.12 -37.62 0.49
C LEU A 232 3.89 -36.51 1.51
N ASP A 233 3.08 -35.54 1.11
CA ASP A 233 2.73 -34.38 1.91
C ASP A 233 2.09 -34.77 3.22
N LYS A 234 1.19 -35.75 3.15
CA LYS A 234 0.38 -36.10 4.32
C LYS A 234 1.14 -36.95 5.32
N GLY A 235 2.24 -37.56 4.87
CA GLY A 235 3.07 -38.35 5.76
C GLY A 235 4.02 -37.49 6.55
N PHE A 236 4.05 -36.20 6.20
CA PHE A 236 4.84 -35.23 6.94
C PHE A 236 3.94 -34.50 7.92
N THR A 237 3.64 -35.17 9.00
CA THR A 237 2.70 -34.71 10.01
C THR A 237 3.19 -35.13 11.39
N PRO A 238 2.86 -34.35 12.44
CA PRO A 238 3.33 -34.69 13.80
C PRO A 238 2.93 -36.07 14.28
N ILE A 239 1.85 -36.66 13.74
CA ILE A 239 1.42 -37.98 14.23
C ILE A 239 2.55 -38.98 14.05
N ASN A 240 3.43 -38.72 13.08
CA ASN A 240 4.63 -39.52 12.87
C ASN A 240 5.60 -39.53 14.05
N PHE A 241 5.34 -38.67 15.03
CA PHE A 241 6.14 -38.65 16.26
C PHE A 241 5.73 -39.70 17.27
N VAL A 242 4.45 -39.98 17.38
CA VAL A 242 3.99 -40.93 18.38
C VAL A 242 3.66 -42.25 17.71
N PHE A 243 3.10 -42.17 16.51
CA PHE A 243 2.73 -43.35 15.74
C PHE A 243 3.39 -43.34 14.36
N PRO A 244 4.71 -43.54 14.28
CA PRO A 244 5.46 -43.35 13.02
C PRO A 244 5.15 -44.37 11.91
N ASN A 245 5.05 -45.65 12.25
CA ASN A 245 4.70 -46.66 11.26
C ASN A 245 3.52 -47.50 11.70
N LEU A 246 2.33 -47.14 11.22
CA LEU A 246 1.12 -47.89 11.52
C LEU A 246 0.55 -48.46 10.23
N PRO A 247 0.30 -49.77 10.18
CA PRO A 247 -0.22 -50.38 8.95
C PRO A 247 -1.61 -49.84 8.50
N LEU A 248 -1.71 -48.52 8.39
CA LEU A 248 -2.88 -47.86 7.80
C LEU A 248 -2.52 -47.30 6.42
N GLU A 249 -3.50 -46.79 5.68
CA GLU A 249 -3.27 -46.54 4.25
C GLU A 249 -2.53 -45.22 3.95
N HIS A 250 -2.80 -44.17 4.73
CA HIS A 250 -2.04 -42.94 4.59
C HIS A 250 -0.54 -43.23 4.73
N TYR A 251 -0.15 -44.19 5.56
CA TYR A 251 1.28 -44.45 5.71
C TYR A 251 1.93 -45.12 4.48
N ARG A 252 1.20 -45.88 3.68
CA ARG A 252 1.85 -46.56 2.56
C ARG A 252 1.72 -45.86 1.20
N LYS A 253 0.69 -45.02 1.03
CA LYS A 253 0.69 -44.07 -0.06
C LYS A 253 1.83 -43.09 0.14
N ARG A 254 2.15 -42.81 1.40
CA ARG A 254 3.32 -42.02 1.74
C ARG A 254 4.58 -42.68 1.22
N ASP A 255 4.77 -43.94 1.60
CA ASP A 255 5.95 -44.70 1.23
C ASP A 255 5.96 -45.04 -0.26
N HIS A 256 4.78 -45.22 -0.84
CA HIS A 256 4.68 -45.43 -2.27
C HIS A 256 5.31 -44.24 -2.96
N ALA A 257 4.74 -43.07 -2.65
CA ALA A 257 5.21 -41.76 -3.13
C ALA A 257 6.70 -41.52 -2.93
N GLN A 258 7.23 -41.82 -1.75
CA GLN A 258 8.67 -41.67 -1.54
C GLN A 258 9.45 -42.48 -2.55
N LYS A 259 9.06 -43.74 -2.74
CA LYS A 259 9.68 -44.56 -3.76
C LYS A 259 9.44 -43.97 -5.16
N ALA A 260 8.17 -43.71 -5.47
CA ALA A 260 7.78 -43.25 -6.79
C ALA A 260 8.53 -41.97 -7.21
N ILE A 261 8.43 -40.92 -6.39
CA ILE A 261 9.07 -39.64 -6.70
C ILE A 261 10.61 -39.81 -6.76
N SER A 262 11.18 -40.56 -5.82
CA SER A 262 12.63 -40.74 -5.81
C SER A 262 13.08 -41.40 -7.10
N GLY A 263 12.31 -42.39 -7.55
CA GLY A 263 12.63 -43.11 -8.77
C GLY A 263 12.66 -42.21 -9.98
N THR A 264 11.65 -41.33 -10.05
CA THR A 264 11.57 -40.34 -11.10
C THR A 264 12.82 -39.48 -11.18
N TYR A 265 13.34 -39.05 -10.03
CA TYR A 265 14.52 -38.19 -10.04
C TYR A 265 15.71 -38.99 -10.54
N MET A 266 15.86 -40.19 -9.98
CA MET A 266 16.94 -41.07 -10.38
C MET A 266 16.85 -41.36 -11.87
N SER A 267 15.63 -41.56 -12.37
CA SER A 267 15.46 -41.77 -13.78
C SER A 267 16.07 -40.62 -14.55
N LEU A 268 15.71 -39.41 -14.14
CA LEU A 268 16.21 -38.22 -14.79
C LEU A 268 17.71 -38.03 -14.49
N ILE A 269 18.12 -38.32 -13.26
CA ILE A 269 19.53 -38.24 -12.92
C ILE A 269 20.38 -39.14 -13.81
N LYS A 270 20.07 -40.44 -13.80
CA LYS A 270 20.87 -41.44 -14.52
C LYS A 270 20.90 -41.14 -16.00
N GLU A 271 19.79 -40.69 -16.55
CA GLU A 271 19.77 -40.50 -17.99
C GLU A 271 20.49 -39.20 -18.41
N ARG A 272 20.70 -38.28 -17.47
CA ARG A 272 21.50 -37.10 -17.79
C ARG A 272 22.96 -37.53 -17.83
N ARG A 273 23.32 -38.51 -16.99
CA ARG A 273 24.70 -39.02 -16.97
C ARG A 273 24.94 -40.01 -18.11
N LYS A 274 23.93 -40.79 -18.49
CA LYS A 274 24.04 -41.66 -19.67
C LYS A 274 24.09 -40.85 -20.97
N ASN A 275 23.71 -39.58 -20.91
CA ASN A 275 24.02 -38.67 -21.99
C ASN A 275 25.24 -37.88 -21.53
N ASN A 276 25.01 -36.59 -21.31
CA ASN A 276 25.95 -35.70 -20.67
C ASN A 276 25.28 -34.37 -20.78
N ASP A 277 23.99 -34.41 -20.42
CA ASP A 277 23.20 -33.22 -20.25
C ASP A 277 23.38 -32.79 -18.82
N ILE A 278 24.61 -32.44 -18.47
CA ILE A 278 24.91 -31.98 -17.14
C ILE A 278 25.44 -30.56 -17.22
N GLN A 279 24.54 -29.61 -17.00
CA GLN A 279 24.86 -28.19 -16.96
C GLN A 279 24.77 -27.70 -15.54
N ASP A 280 24.18 -26.50 -15.40
CA ASP A 280 23.98 -25.87 -14.10
C ASP A 280 22.54 -25.44 -13.94
N ARG A 281 21.70 -25.93 -14.84
CA ARG A 281 20.32 -25.49 -14.97
C ARG A 281 19.56 -25.53 -13.67
N ASP A 282 19.82 -26.56 -12.87
CA ASP A 282 19.10 -26.72 -11.62
C ASP A 282 19.94 -27.40 -10.52
N LEU A 283 19.30 -27.68 -9.40
CA LEU A 283 19.94 -28.34 -8.28
C LEU A 283 20.33 -29.79 -8.66
N ILE A 284 19.54 -30.39 -9.55
CA ILE A 284 19.78 -31.76 -9.97
C ILE A 284 21.12 -31.87 -10.70
N ASP A 285 21.34 -30.99 -11.68
CA ASP A 285 22.67 -30.84 -12.27
C ASP A 285 23.73 -30.60 -11.22
N SER A 286 23.46 -29.66 -10.32
CA SER A 286 24.43 -29.30 -9.30
C SER A 286 24.82 -30.49 -8.42
N LEU A 287 23.84 -31.20 -7.90
CA LEU A 287 24.12 -32.31 -7.00
C LEU A 287 24.83 -33.44 -7.74
N MET A 288 24.53 -33.60 -9.02
CA MET A 288 25.26 -34.58 -9.82
C MET A 288 26.73 -34.19 -9.87
N LYS A 289 27.05 -32.94 -10.25
CA LYS A 289 28.44 -32.52 -10.34
C LYS A 289 29.10 -32.37 -8.98
N ASN A 290 28.32 -32.42 -7.89
CA ASN A 290 28.85 -31.95 -6.61
C ASN A 290 28.23 -32.61 -5.38
N SER A 291 28.65 -33.82 -5.07
CA SER A 291 28.09 -34.55 -3.95
C SER A 291 29.06 -35.61 -3.45
N THR A 292 30.35 -35.30 -3.54
CA THR A 292 31.40 -36.15 -3.00
C THR A 292 31.84 -35.63 -1.63
N TYR A 293 31.61 -36.43 -0.61
CA TYR A 293 32.03 -36.07 0.75
C TYR A 293 33.54 -35.84 0.82
N LYS A 294 33.99 -35.24 1.92
CA LYS A 294 35.41 -34.93 2.10
C LYS A 294 36.25 -36.21 2.29
N ASP A 295 35.66 -37.26 2.86
CA ASP A 295 36.40 -38.51 3.08
C ASP A 295 36.51 -39.31 1.78
N GLY A 296 35.88 -38.83 0.70
CA GLY A 296 36.03 -39.44 -0.62
C GLY A 296 34.80 -40.17 -1.14
N VAL A 297 33.83 -40.42 -0.27
CA VAL A 297 32.60 -41.08 -0.67
C VAL A 297 31.72 -40.18 -1.55
N LYS A 298 31.01 -40.79 -2.50
CA LYS A 298 30.04 -40.07 -3.31
C LYS A 298 28.62 -40.46 -2.91
N MET A 299 27.71 -39.51 -3.05
CA MET A 299 26.31 -39.79 -2.73
C MET A 299 25.74 -40.72 -3.78
N THR A 300 25.06 -41.77 -3.33
CA THR A 300 24.35 -42.63 -4.26
C THR A 300 23.30 -41.80 -4.95
N ASP A 301 22.91 -42.23 -6.14
CA ASP A 301 21.84 -41.60 -6.86
C ASP A 301 20.59 -41.60 -6.00
N GLN A 302 20.43 -42.64 -5.20
CA GLN A 302 19.27 -42.69 -4.32
C GLN A 302 19.31 -41.58 -3.30
N GLU A 303 20.49 -41.37 -2.72
CA GLU A 303 20.68 -40.40 -1.66
C GLU A 303 20.44 -38.99 -2.18
N ILE A 304 21.08 -38.66 -3.29
CA ILE A 304 20.83 -37.43 -4.02
C ILE A 304 19.35 -37.15 -4.19
N ALA A 305 18.62 -38.12 -4.70
CA ALA A 305 17.19 -37.94 -4.93
C ALA A 305 16.47 -37.71 -3.60
N ASN A 306 16.91 -38.36 -2.55
CA ASN A 306 16.23 -38.20 -1.28
C ASN A 306 16.56 -36.81 -0.73
N LEU A 307 17.74 -36.29 -1.08
CA LEU A 307 18.14 -34.97 -0.68
C LEU A 307 17.27 -33.95 -1.43
N LEU A 308 16.87 -34.26 -2.66
CA LEU A 308 15.96 -33.44 -3.44
C LEU A 308 14.58 -33.37 -2.81
N ILE A 309 14.07 -34.53 -2.46
CA ILE A 309 12.78 -34.58 -1.78
C ILE A 309 12.81 -33.72 -0.53
N GLY A 310 13.89 -33.82 0.25
CA GLY A 310 14.01 -33.10 1.51
C GLY A 310 14.04 -31.60 1.29
N VAL A 311 14.87 -31.15 0.35
CA VAL A 311 15.00 -29.75 0.06
C VAL A 311 13.65 -29.14 -0.37
N LEU A 312 12.98 -29.76 -1.33
CA LEU A 312 11.68 -29.30 -1.78
C LEU A 312 10.63 -29.38 -0.70
N MET A 313 10.70 -30.36 0.16
CA MET A 313 9.68 -30.47 1.19
C MET A 313 9.83 -29.31 2.14
N GLY A 314 11.08 -28.94 2.43
CA GLY A 314 11.34 -27.94 3.45
C GLY A 314 11.01 -26.55 2.98
N GLY A 315 11.23 -26.30 1.69
CA GLY A 315 10.85 -25.04 1.10
C GLY A 315 9.38 -24.94 0.73
N GLN A 316 8.70 -26.08 0.65
CA GLN A 316 7.31 -26.07 0.26
C GLN A 316 6.46 -25.46 1.37
N HIS A 317 6.58 -26.01 2.58
CA HIS A 317 5.63 -25.68 3.63
C HIS A 317 5.86 -24.33 4.28
N THR A 318 7.13 -24.00 4.50
CA THR A 318 7.49 -22.74 5.14
C THR A 318 7.15 -21.56 4.27
N SER A 319 7.59 -21.61 3.02
CA SER A 319 7.35 -20.57 2.03
C SER A 319 5.88 -20.36 1.70
N ALA A 320 5.14 -21.44 1.48
CA ALA A 320 3.72 -21.32 1.15
C ALA A 320 2.97 -20.69 2.31
N ALA A 321 3.32 -21.04 3.54
CA ALA A 321 2.62 -20.45 4.67
C ALA A 321 2.90 -18.95 4.71
N THR A 322 4.13 -18.59 4.42
CA THR A 322 4.56 -17.22 4.58
C THR A 322 3.87 -16.38 3.51
N SER A 323 3.79 -16.99 2.32
CA SER A 323 3.10 -16.43 1.16
C SER A 323 1.61 -16.19 1.44
N ALA A 324 0.96 -17.13 2.13
CA ALA A 324 -0.43 -16.96 2.52
C ALA A 324 -0.59 -15.77 3.47
N TRP A 325 0.21 -15.75 4.52
CA TRP A 325 0.15 -14.70 5.54
C TRP A 325 0.38 -13.29 4.95
N ILE A 326 1.34 -13.18 4.03
CA ILE A 326 1.59 -11.90 3.38
C ILE A 326 0.34 -11.40 2.69
N LEU A 327 -0.34 -12.31 1.98
CA LEU A 327 -1.54 -11.95 1.24
C LEU A 327 -2.66 -11.57 2.20
N LEU A 328 -2.75 -12.32 3.29
CA LEU A 328 -3.82 -12.07 4.26
C LEU A 328 -3.59 -10.79 5.02
N HIS A 329 -2.34 -10.48 5.36
CA HIS A 329 -2.09 -9.26 6.11
C HIS A 329 -2.29 -8.02 5.27
N LEU A 330 -1.93 -8.14 3.99
CA LEU A 330 -2.04 -7.05 3.05
C LEU A 330 -3.50 -6.82 2.63
N ALA A 331 -4.32 -7.87 2.70
CA ALA A 331 -5.73 -7.78 2.28
C ALA A 331 -6.52 -6.76 3.11
N GLU A 332 -6.02 -6.41 4.29
CA GLU A 332 -6.68 -5.42 5.11
C GLU A 332 -5.85 -4.16 5.26
N ARG A 333 -4.83 -4.05 4.42
CA ARG A 333 -3.94 -2.90 4.46
C ARG A 333 -3.73 -2.42 3.05
N PRO A 334 -4.76 -1.83 2.44
CA PRO A 334 -4.58 -1.27 1.10
C PRO A 334 -3.53 -0.14 1.09
N ASP A 335 -3.23 0.46 2.24
CA ASP A 335 -2.13 1.44 2.31
C ASP A 335 -0.77 0.78 2.07
N VAL A 336 -0.56 -0.42 2.63
CA VAL A 336 0.70 -1.14 2.41
C VAL A 336 0.75 -1.67 0.95
N GLN A 337 -0.40 -2.08 0.40
CA GLN A 337 -0.45 -2.46 -1.02
C GLN A 337 -0.07 -1.27 -1.88
N GLN A 338 -0.57 -0.12 -1.50
CA GLN A 338 -0.29 1.12 -2.20
C GLN A 338 1.20 1.46 -2.15
N GLU A 339 1.75 1.42 -0.95
CA GLU A 339 3.18 1.64 -0.74
C GLU A 339 4.08 0.66 -1.49
N LEU A 340 3.73 -0.62 -1.43
CA LEU A 340 4.44 -1.64 -2.18
C LEU A 340 4.36 -1.46 -3.69
N TYR A 341 3.22 -0.96 -4.17
CA TYR A 341 3.03 -0.78 -5.61
C TYR A 341 3.88 0.37 -6.15
N GLU A 342 3.95 1.45 -5.40
CA GLU A 342 4.76 2.59 -5.79
C GLU A 342 6.23 2.18 -5.90
N GLU A 343 6.70 1.38 -4.95
CA GLU A 343 8.09 0.93 -5.00
C GLU A 343 8.31 0.08 -6.25
N GLN A 344 7.33 -0.77 -6.57
CA GLN A 344 7.39 -1.57 -7.80
C GLN A 344 7.54 -0.67 -9.01
N MET A 345 6.73 0.39 -9.06
CA MET A 345 6.79 1.34 -10.17
C MET A 345 8.12 2.04 -10.22
N ARG A 346 8.61 2.56 -9.10
CA ARG A 346 9.91 3.25 -9.12
C ARG A 346 11.06 2.31 -9.52
N VAL A 347 11.17 1.12 -8.92
CA VAL A 347 12.29 0.26 -9.23
C VAL A 347 12.18 -0.37 -10.62
N LEU A 348 10.97 -0.66 -11.08
CA LEU A 348 10.88 -1.33 -12.38
C LEU A 348 10.51 -0.33 -13.46
N ASP A 349 10.70 0.96 -13.16
CA ASP A 349 10.39 2.05 -14.08
C ASP A 349 9.01 1.89 -14.71
N GLY A 350 7.99 1.93 -13.87
CA GLY A 350 6.63 1.83 -14.36
C GLY A 350 6.30 0.49 -15.00
N GLY A 351 7.21 -0.47 -14.88
CA GLY A 351 6.97 -1.78 -15.46
C GLY A 351 7.69 -2.01 -16.78
N LYS A 352 8.42 -1.02 -17.25
CA LYS A 352 9.15 -1.19 -18.47
C LYS A 352 10.52 -1.87 -18.26
N LYS A 353 10.84 -2.16 -17.00
CA LYS A 353 12.00 -2.98 -16.68
C LYS A 353 11.57 -4.40 -16.35
N GLU A 354 12.36 -5.38 -16.76
CA GLU A 354 12.05 -6.76 -16.43
C GLU A 354 12.63 -7.08 -15.06
N LEU A 355 11.91 -7.90 -14.29
CA LEU A 355 12.33 -8.25 -12.94
C LEU A 355 13.56 -9.16 -12.97
N THR A 356 14.51 -8.89 -12.09
CA THR A 356 15.78 -9.62 -12.01
C THR A 356 16.15 -9.75 -10.55
N TYR A 357 17.07 -10.65 -10.23
CA TYR A 357 17.45 -10.87 -8.83
C TYR A 357 18.05 -9.63 -8.22
N ASP A 358 18.75 -8.87 -9.06
CA ASP A 358 19.37 -7.63 -8.65
C ASP A 358 18.32 -6.60 -8.30
N LEU A 359 17.39 -6.38 -9.23
CA LEU A 359 16.31 -5.42 -9.03
C LEU A 359 15.45 -5.77 -7.83
N LEU A 360 15.27 -7.06 -7.56
CA LEU A 360 14.61 -7.51 -6.34
C LEU A 360 15.28 -6.95 -5.08
N GLN A 361 16.61 -6.82 -5.10
CA GLN A 361 17.39 -6.42 -3.92
C GLN A 361 17.20 -4.92 -3.63
N GLU A 362 16.69 -4.22 -4.62
CA GLU A 362 16.45 -2.80 -4.49
C GLU A 362 15.00 -2.53 -4.18
N MET A 363 14.28 -3.54 -3.71
CA MET A 363 12.91 -3.33 -3.26
C MET A 363 12.82 -3.53 -1.77
N PRO A 364 13.29 -2.55 -0.99
CA PRO A 364 13.38 -2.80 0.46
C PRO A 364 12.03 -2.99 1.16
N LEU A 365 11.00 -2.25 0.76
CA LEU A 365 9.68 -2.38 1.40
C LEU A 365 9.06 -3.74 1.12
N LEU A 366 9.33 -4.25 -0.08
CA LEU A 366 8.91 -5.58 -0.44
C LEU A 366 9.52 -6.59 0.49
N ASN A 367 10.83 -6.47 0.72
CA ASN A 367 11.58 -7.40 1.58
C ASN A 367 11.27 -7.19 3.03
N GLN A 368 10.71 -6.05 3.33
CA GLN A 368 10.38 -5.77 4.71
C GLN A 368 9.08 -6.48 5.07
N THR A 369 8.23 -6.66 4.06
CA THR A 369 6.96 -7.32 4.27
C THR A 369 7.15 -8.83 4.55
N ILE A 370 8.01 -9.43 3.73
CA ILE A 370 8.49 -10.77 3.95
C ILE A 370 9.13 -10.85 5.35
N LYS A 371 10.02 -9.90 5.65
CA LYS A 371 10.70 -9.87 6.95
C LYS A 371 9.72 -9.81 8.13
N GLU A 372 8.74 -8.92 8.01
CA GLU A 372 7.78 -8.66 9.07
C GLU A 372 6.80 -9.81 9.27
N THR A 373 6.26 -10.30 8.16
CA THR A 373 5.48 -11.55 8.16
C THR A 373 6.22 -12.72 8.82
N LEU A 374 7.47 -12.95 8.40
CA LEU A 374 8.26 -13.97 9.06
C LEU A 374 8.44 -13.68 10.52
N ARG A 375 8.24 -12.42 10.91
CA ARG A 375 8.36 -12.12 12.33
C ARG A 375 7.08 -12.49 13.06
N MET A 376 5.92 -12.09 12.51
CA MET A 376 4.65 -12.33 13.20
C MET A 376 4.15 -13.75 12.99
N HIS A 377 4.65 -14.41 11.96
CA HIS A 377 4.18 -15.75 11.63
C HIS A 377 5.35 -16.63 11.23
N HIS A 378 6.20 -16.92 12.21
CA HIS A 378 7.25 -17.89 11.99
C HIS A 378 6.61 -19.24 11.76
N PRO A 379 6.99 -19.92 10.66
CA PRO A 379 6.42 -21.20 10.21
C PRO A 379 6.55 -22.30 11.23
N LEU A 380 7.74 -22.43 11.78
CA LEU A 380 8.07 -23.47 12.75
C LEU A 380 8.08 -22.94 14.17
N HIS A 381 7.01 -23.19 14.92
CA HIS A 381 6.88 -22.57 16.24
C HIS A 381 7.77 -23.20 17.30
N SER A 382 8.49 -24.25 16.95
CA SER A 382 9.29 -24.96 17.94
C SER A 382 10.38 -25.71 17.24
N LEU A 383 11.60 -25.58 17.73
CA LEU A 383 12.64 -26.47 17.27
C LEU A 383 13.10 -27.26 18.48
N PHE A 384 13.33 -28.58 18.30
CA PHE A 384 13.76 -29.45 19.39
C PHE A 384 15.17 -29.96 19.19
N ARG A 385 15.76 -30.40 20.30
CA ARG A 385 16.93 -31.27 20.27
C ARG A 385 16.69 -32.38 21.29
N LYS A 386 17.47 -33.45 21.21
CA LYS A 386 17.49 -34.37 22.34
C LYS A 386 18.84 -34.23 23.00
N VAL A 387 18.84 -34.28 24.34
CA VAL A 387 20.07 -34.07 25.11
C VAL A 387 20.87 -35.36 25.19
N MET A 388 22.15 -35.28 24.83
CA MET A 388 23.00 -36.45 24.77
C MET A 388 23.87 -36.59 26.02
N LYS A 389 24.31 -35.47 26.57
CA LYS A 389 25.03 -35.42 27.83
C LYS A 389 24.34 -34.44 28.77
N ASP A 390 24.30 -34.75 30.06
CA ASP A 390 23.83 -33.77 31.06
C ASP A 390 24.41 -32.37 30.81
N MET A 391 23.52 -31.39 30.73
CA MET A 391 23.92 -30.04 30.38
C MET A 391 23.75 -29.10 31.57
N HIS A 392 24.77 -28.35 31.93
CA HIS A 392 24.48 -27.33 32.88
C HIS A 392 24.21 -25.96 32.24
N VAL A 393 23.10 -25.42 32.74
CA VAL A 393 22.55 -24.12 32.41
C VAL A 393 23.08 -23.02 33.33
N PRO A 394 23.92 -22.14 32.78
CA PRO A 394 24.33 -20.91 33.47
C PRO A 394 23.27 -19.84 33.39
N ASN A 395 23.16 -18.98 34.40
CA ASN A 395 23.82 -19.11 35.67
C ASN A 395 22.83 -19.65 36.66
N THR A 396 22.62 -20.95 36.67
CA THR A 396 21.65 -21.55 37.59
C THR A 396 22.24 -22.80 38.20
N SER A 397 21.43 -23.48 39.00
CA SER A 397 21.82 -24.76 39.55
C SER A 397 21.23 -25.90 38.73
N TYR A 398 20.59 -25.57 37.61
CA TYR A 398 19.88 -26.54 36.77
C TYR A 398 20.83 -27.40 35.93
N ALA A 399 20.61 -28.71 35.98
CA ALA A 399 21.24 -29.63 35.05
C ALA A 399 20.15 -30.23 34.18
N ILE A 400 20.29 -30.15 32.87
CA ILE A 400 19.34 -30.84 32.00
C ILE A 400 19.89 -32.21 31.69
N PRO A 401 19.31 -33.26 32.31
CA PRO A 401 19.89 -34.60 32.21
C PRO A 401 19.73 -35.16 30.80
N ALA A 402 20.75 -35.88 30.31
CA ALA A 402 20.65 -36.53 29.02
C ALA A 402 19.34 -37.31 28.87
N GLY A 403 18.81 -37.38 27.66
CA GLY A 403 17.54 -38.04 27.43
C GLY A 403 16.37 -37.08 27.51
N TYR A 404 16.61 -35.91 28.09
CA TYR A 404 15.63 -34.85 28.01
C TYR A 404 15.68 -34.23 26.63
N HIS A 405 14.65 -33.45 26.34
CA HIS A 405 14.65 -32.66 25.13
C HIS A 405 14.62 -31.19 25.45
N VAL A 406 15.47 -30.46 24.76
CA VAL A 406 15.41 -29.03 24.84
C VAL A 406 14.56 -28.51 23.65
N LEU A 407 13.80 -27.46 23.92
CA LEU A 407 12.92 -26.87 22.95
C LEU A 407 13.19 -25.38 22.88
N VAL A 408 13.55 -24.89 21.70
CA VAL A 408 13.77 -23.48 21.45
C VAL A 408 12.64 -22.92 20.55
N SER A 409 12.19 -21.69 20.81
CA SER A 409 11.04 -21.12 20.07
C SER A 409 11.21 -19.65 19.73
N PRO A 410 12.10 -19.34 18.79
CA PRO A 410 12.40 -17.96 18.41
C PRO A 410 11.14 -17.17 18.00
N GLY A 411 10.19 -17.87 17.42
CA GLY A 411 8.92 -17.29 17.05
C GLY A 411 8.11 -16.78 18.23
N TYR A 412 8.37 -17.30 19.43
CA TYR A 412 7.69 -16.75 20.61
C TYR A 412 8.31 -15.40 20.96
N THR A 413 9.64 -15.31 20.88
CA THR A 413 10.36 -14.07 21.14
C THR A 413 9.96 -13.00 20.14
N HIS A 414 9.72 -13.42 18.89
CA HIS A 414 9.31 -12.51 17.84
C HIS A 414 8.05 -11.73 18.20
N LEU A 415 7.20 -12.33 19.01
CA LEU A 415 5.92 -11.71 19.36
C LEU A 415 5.92 -11.05 20.72
N ARG A 416 7.11 -10.72 21.21
CA ARG A 416 7.24 -10.10 22.53
C ARG A 416 7.47 -8.59 22.38
N ASP A 417 6.68 -7.79 23.09
CA ASP A 417 6.83 -6.34 23.06
C ASP A 417 8.21 -5.89 23.53
N GLU A 418 8.77 -6.54 24.56
CA GLU A 418 10.12 -6.24 25.02
C GLU A 418 11.09 -6.09 23.88
N TYR A 419 11.06 -7.03 22.93
CA TYR A 419 12.03 -6.98 21.83
C TYR A 419 11.41 -6.38 20.57
N PHE A 420 10.10 -6.27 20.53
CA PHE A 420 9.47 -5.70 19.36
C PHE A 420 8.32 -4.83 19.81
N PRO A 421 8.50 -3.51 19.81
CA PRO A 421 7.43 -2.64 20.29
C PRO A 421 6.13 -2.89 19.52
N ASN A 422 5.02 -3.08 20.24
CA ASN A 422 3.73 -3.37 19.61
C ASN A 422 3.81 -4.59 18.70
N ALA A 423 4.24 -5.68 19.32
CA ALA A 423 4.67 -6.88 18.60
C ALA A 423 3.55 -7.50 17.78
N HIS A 424 2.31 -7.21 18.17
CA HIS A 424 1.14 -7.77 17.53
C HIS A 424 0.54 -6.88 16.45
N GLN A 425 1.29 -5.86 16.07
CA GLN A 425 0.91 -4.94 15.01
C GLN A 425 1.73 -5.19 13.74
N PHE A 426 1.08 -5.48 12.64
CA PHE A 426 1.81 -5.72 11.40
C PHE A 426 2.29 -4.40 10.88
N ASN A 427 3.61 -4.22 10.88
CA ASN A 427 4.25 -2.90 10.61
C ASN A 427 5.59 -3.12 9.93
N ILE A 428 5.61 -3.03 8.61
CA ILE A 428 6.80 -3.35 7.83
C ILE A 428 7.85 -2.30 8.09
N HIS A 429 7.40 -1.17 8.61
CA HIS A 429 8.29 -0.04 8.83
C HIS A 429 9.15 -0.15 10.08
N ARG A 430 8.87 -1.13 10.93
CA ARG A 430 9.77 -1.44 12.03
C ARG A 430 11.12 -1.91 11.47
N TRP A 431 11.19 -2.14 10.17
CA TRP A 431 12.44 -2.59 9.55
C TRP A 431 13.05 -1.62 8.57
N ASN A 432 12.64 -0.34 8.59
CA ASN A 432 13.26 0.63 7.69
C ASN A 432 14.75 0.71 7.85
N ASN A 433 15.41 0.72 6.70
CA ASN A 433 16.86 0.77 6.64
C ASN A 433 17.40 -0.52 7.20
N ASP A 434 16.66 -1.61 6.98
CA ASP A 434 16.98 -2.89 7.62
C ASP A 434 16.27 -4.09 6.97
N SER A 435 16.32 -4.19 5.64
CA SER A 435 15.52 -5.22 4.94
C SER A 435 16.29 -6.50 4.65
N ALA A 436 17.49 -6.64 5.22
CA ALA A 436 18.31 -7.83 5.00
C ALA A 436 17.58 -9.07 5.53
N SER A 437 17.60 -10.15 4.75
CA SER A 437 16.99 -11.42 5.14
C SER A 437 17.35 -11.72 6.58
N SER A 438 18.63 -11.51 6.87
CA SER A 438 19.20 -11.60 8.20
C SER A 438 20.63 -11.12 8.02
N TYR A 439 21.31 -10.85 9.13
CA TYR A 439 22.75 -10.57 9.05
C TYR A 439 23.45 -10.92 10.37
N SER A 440 24.65 -11.47 10.27
CA SER A 440 25.53 -11.74 11.40
C SER A 440 26.13 -10.43 11.93
N VAL A 441 25.73 -10.08 13.15
CA VAL A 441 26.00 -8.77 13.71
C VAL A 441 27.33 -8.78 14.50
N GLY A 442 28.15 -9.79 14.29
CA GLY A 442 29.51 -9.82 14.80
C GLY A 442 30.42 -10.84 14.14
N GLU A 443 31.05 -11.69 14.94
CA GLU A 443 32.06 -12.60 14.42
C GLU A 443 31.36 -13.87 13.90
N GLU A 444 32.00 -14.51 12.93
CA GLU A 444 31.39 -15.65 12.26
C GLU A 444 32.07 -16.98 12.63
N VAL A 445 31.50 -18.06 12.11
CA VAL A 445 32.01 -19.40 12.34
C VAL A 445 31.48 -20.28 11.23
N ASP A 446 32.16 -21.38 10.97
CA ASP A 446 31.84 -22.22 9.83
C ASP A 446 31.77 -23.67 10.29
N TYR A 447 30.75 -24.39 9.82
CA TYR A 447 30.54 -25.77 10.23
C TYR A 447 30.61 -26.73 9.05
N GLY A 448 30.91 -26.19 7.87
CA GLY A 448 30.96 -27.01 6.67
C GLY A 448 30.22 -26.45 5.47
N PHE A 449 29.35 -25.47 5.70
CA PHE A 449 28.55 -24.93 4.59
C PHE A 449 28.71 -23.41 4.50
N GLY A 450 29.71 -22.87 5.17
CA GLY A 450 29.96 -21.44 5.03
C GLY A 450 29.89 -20.70 6.35
N ALA A 451 30.49 -19.52 6.37
CA ALA A 451 30.59 -18.74 7.58
C ALA A 451 29.24 -18.15 7.96
N ILE A 452 28.77 -18.47 9.15
CA ILE A 452 27.48 -17.99 9.60
C ILE A 452 27.71 -17.32 10.93
N SER A 453 26.69 -16.66 11.46
CA SER A 453 26.84 -15.98 12.74
C SER A 453 27.29 -16.95 13.84
N LYS A 454 28.24 -16.50 14.66
CA LYS A 454 28.65 -17.29 15.79
C LYS A 454 27.71 -17.11 16.97
N GLY A 455 27.41 -15.87 17.30
CA GLY A 455 26.45 -15.59 18.37
C GLY A 455 25.07 -15.79 17.79
N VAL A 456 24.15 -16.34 18.59
CA VAL A 456 22.80 -16.47 18.09
C VAL A 456 21.81 -15.73 19.01
N SER A 457 22.24 -14.57 19.49
CA SER A 457 21.50 -13.86 20.53
C SER A 457 20.52 -12.80 20.00
N SER A 458 20.52 -12.65 18.69
CA SER A 458 19.58 -11.78 18.01
C SER A 458 18.13 -12.15 18.39
N PRO A 459 17.34 -11.19 18.90
CA PRO A 459 15.94 -11.54 19.23
C PRO A 459 15.08 -11.85 18.01
N TYR A 460 15.55 -11.46 16.84
CA TYR A 460 14.94 -11.90 15.59
C TYR A 460 15.76 -13.05 14.98
N LEU A 461 15.33 -14.29 15.20
CA LEU A 461 16.02 -15.47 14.68
C LEU A 461 15.15 -16.39 13.80
N PRO A 462 14.59 -15.86 12.70
CA PRO A 462 13.68 -16.67 11.88
C PRO A 462 14.32 -17.89 11.19
N PHE A 463 15.62 -17.90 11.06
CA PHE A 463 16.22 -18.99 10.31
C PHE A 463 17.11 -19.83 11.20
N GLY A 464 16.93 -19.66 12.51
CA GLY A 464 17.77 -20.24 13.54
C GLY A 464 19.23 -19.78 13.48
N GLY A 465 20.09 -20.61 14.03
CA GLY A 465 21.51 -20.38 13.93
C GLY A 465 22.24 -21.60 14.41
N GLY A 466 23.55 -21.59 14.22
CA GLY A 466 24.36 -22.71 14.62
C GLY A 466 24.45 -23.68 13.48
N ARG A 467 24.86 -24.90 13.78
CA ARG A 467 25.12 -25.88 12.75
C ARG A 467 23.85 -26.20 11.98
N HIS A 468 22.70 -26.20 12.65
CA HIS A 468 21.47 -26.54 11.96
C HIS A 468 20.74 -25.36 11.32
N ARG A 469 21.33 -24.16 11.39
CA ARG A 469 20.79 -22.95 10.76
C ARG A 469 20.39 -23.22 9.32
N CYS A 470 19.32 -22.56 8.89
CA CYS A 470 18.73 -22.79 7.56
C CYS A 470 19.72 -22.42 6.48
N ILE A 471 19.54 -22.98 5.30
CA ILE A 471 20.31 -22.52 4.17
C ILE A 471 19.42 -22.12 3.01
N GLY A 472 18.11 -21.92 3.26
CA GLY A 472 17.18 -21.59 2.18
C GLY A 472 16.66 -20.16 2.22
N GLU A 473 17.21 -19.39 3.15
CA GLU A 473 16.77 -18.04 3.41
C GLU A 473 16.77 -17.25 2.11
N HIS A 474 17.86 -17.35 1.37
CA HIS A 474 17.95 -16.57 0.16
C HIS A 474 17.08 -17.13 -0.94
N PHE A 475 16.96 -18.46 -1.02
CA PHE A 475 16.00 -18.99 -1.96
C PHE A 475 14.58 -18.53 -1.64
N ALA A 476 14.20 -18.57 -0.36
CA ALA A 476 12.83 -18.24 -0.01
C ALA A 476 12.51 -16.75 -0.33
N TYR A 477 13.43 -15.83 0.01
CA TYR A 477 13.22 -14.41 -0.27
C TYR A 477 13.17 -14.20 -1.78
N CYS A 478 13.91 -15.01 -2.51
CA CYS A 478 13.87 -14.92 -3.96
C CYS A 478 12.48 -15.29 -4.47
N GLN A 479 12.01 -16.47 -4.03
CA GLN A 479 10.72 -17.02 -4.43
C GLN A 479 9.59 -16.08 -4.00
N LEU A 480 9.58 -15.74 -2.71
CA LEU A 480 8.61 -14.84 -2.17
C LEU A 480 8.67 -13.45 -2.82
N GLY A 481 9.88 -13.02 -3.15
CA GLY A 481 10.06 -11.74 -3.83
C GLY A 481 9.38 -11.70 -5.18
N VAL A 482 9.75 -12.63 -6.06
CA VAL A 482 9.16 -12.66 -7.39
C VAL A 482 7.65 -12.81 -7.31
N LEU A 483 7.23 -13.72 -6.45
CA LEU A 483 5.81 -13.94 -6.21
C LEU A 483 5.07 -12.65 -5.84
N MET A 484 5.56 -11.93 -4.83
CA MET A 484 4.88 -10.73 -4.33
C MET A 484 5.04 -9.54 -5.25
N SER A 485 6.19 -9.43 -5.89
CA SER A 485 6.35 -8.43 -6.92
C SER A 485 5.26 -8.49 -7.96
N ILE A 486 4.95 -9.72 -8.40
CA ILE A 486 3.95 -9.93 -9.46
C ILE A 486 2.51 -9.82 -8.93
N PHE A 487 2.25 -10.32 -7.73
CA PHE A 487 0.94 -10.14 -7.15
C PHE A 487 0.61 -8.66 -7.07
N ILE A 488 1.55 -7.91 -6.47
CA ILE A 488 1.37 -6.49 -6.23
C ILE A 488 1.16 -5.71 -7.53
N ARG A 489 1.94 -6.00 -8.57
CA ARG A 489 1.80 -5.24 -9.80
C ARG A 489 0.57 -5.59 -10.62
N THR A 490 -0.01 -6.76 -10.35
CA THR A 490 -1.09 -7.30 -11.17
C THR A 490 -2.47 -7.11 -10.54
N LEU A 491 -2.52 -7.20 -9.22
CA LEU A 491 -3.76 -7.28 -8.48
C LEU A 491 -3.85 -6.34 -7.28
N LYS A 492 -5.09 -5.99 -6.92
CA LYS A 492 -5.46 -5.46 -5.61
C LYS A 492 -6.24 -6.57 -4.92
N TRP A 493 -6.29 -6.59 -3.59
CA TRP A 493 -7.10 -7.64 -2.98
C TRP A 493 -7.55 -7.27 -1.58
N HIS A 494 -8.71 -7.80 -1.17
CA HIS A 494 -9.31 -7.43 0.12
C HIS A 494 -10.11 -8.58 0.67
N TYR A 495 -10.62 -8.44 1.90
CA TYR A 495 -11.43 -9.48 2.52
C TYR A 495 -12.90 -9.40 2.07
N PRO A 496 -13.64 -10.51 2.20
CA PRO A 496 -15.09 -10.36 2.04
C PRO A 496 -15.65 -9.54 3.21
N GLU A 497 -16.90 -9.05 3.18
CA GLU A 497 -17.47 -8.32 4.34
C GLU A 497 -17.24 -9.03 5.66
N GLY A 498 -16.74 -8.27 6.63
CA GLY A 498 -16.60 -8.74 7.99
C GLY A 498 -15.58 -9.84 8.21
N LYS A 499 -14.78 -10.13 7.18
CA LYS A 499 -13.67 -11.08 7.34
C LYS A 499 -12.41 -10.30 7.70
N THR A 500 -11.44 -10.98 8.30
CA THR A 500 -10.15 -10.37 8.65
C THR A 500 -9.10 -11.45 8.81
N VAL A 501 -7.91 -11.09 9.30
CA VAL A 501 -6.82 -12.03 9.38
C VAL A 501 -7.18 -13.20 10.26
N PRO A 502 -7.21 -14.39 9.68
CA PRO A 502 -7.49 -15.61 10.43
C PRO A 502 -6.43 -15.83 11.50
N PRO A 503 -6.79 -16.55 12.59
CA PRO A 503 -5.84 -16.95 13.64
C PRO A 503 -5.13 -18.21 13.22
N PRO A 504 -3.94 -18.46 13.75
CA PRO A 504 -3.09 -19.53 13.21
C PRO A 504 -3.51 -20.90 13.68
N ASP A 505 -3.39 -21.88 12.80
CA ASP A 505 -3.53 -23.27 13.19
C ASP A 505 -2.18 -23.89 13.54
N PHE A 506 -1.88 -23.98 14.83
CA PHE A 506 -0.56 -24.41 15.29
C PHE A 506 -0.38 -25.92 15.24
N THR A 507 -1.48 -26.66 15.12
CA THR A 507 -1.45 -28.10 15.28
C THR A 507 -0.76 -28.84 14.14
N SER A 508 -0.73 -28.22 12.96
CA SER A 508 -0.05 -28.85 11.83
C SER A 508 1.46 -28.85 12.09
N MET A 509 2.24 -29.21 11.09
CA MET A 509 3.68 -29.16 11.26
C MET A 509 4.15 -27.67 11.20
N VAL A 510 3.48 -26.90 10.36
CA VAL A 510 3.71 -25.47 10.17
C VAL A 510 2.56 -24.63 10.71
N THR A 511 2.81 -23.39 11.15
CA THR A 511 1.70 -22.57 11.62
C THR A 511 1.02 -21.92 10.44
N LEU A 512 0.03 -22.61 9.91
CA LEU A 512 -0.81 -22.12 8.82
C LEU A 512 -1.95 -21.26 9.31
N PRO A 513 -2.48 -20.42 8.42
CA PRO A 513 -3.72 -19.72 8.81
C PRO A 513 -4.90 -20.67 8.87
N THR A 514 -5.90 -20.31 9.66
CA THR A 514 -7.09 -21.14 9.75
C THR A 514 -8.02 -20.93 8.55
N GLY A 515 -8.10 -21.94 7.70
CA GLY A 515 -8.95 -21.89 6.51
C GLY A 515 -10.42 -22.19 6.75
N PRO A 516 -11.29 -21.68 5.87
CA PRO A 516 -10.88 -20.92 4.69
C PRO A 516 -10.46 -19.49 5.03
N ALA A 517 -9.36 -19.08 4.43
CA ALA A 517 -8.89 -17.71 4.50
C ALA A 517 -9.04 -17.17 3.10
N LYS A 518 -10.16 -16.48 2.85
CA LYS A 518 -10.48 -16.08 1.49
C LYS A 518 -10.19 -14.62 1.31
N ILE A 519 -9.70 -14.28 0.12
CA ILE A 519 -9.53 -12.91 -0.30
C ILE A 519 -10.15 -12.73 -1.69
N ILE A 520 -10.65 -11.52 -1.94
CA ILE A 520 -11.14 -11.14 -3.24
C ILE A 520 -10.04 -10.33 -3.93
N TRP A 521 -9.66 -10.75 -5.12
CA TRP A 521 -8.71 -10.02 -5.94
C TRP A 521 -9.48 -9.32 -7.03
N GLU A 522 -8.83 -8.33 -7.64
CA GLU A 522 -9.32 -7.72 -8.85
C GLU A 522 -8.11 -7.18 -9.60
N LYS A 523 -8.16 -7.28 -10.92
CA LYS A 523 -7.03 -6.88 -11.74
C LYS A 523 -6.81 -5.38 -11.64
N ARG A 524 -5.54 -4.98 -11.57
CA ARG A 524 -5.20 -3.57 -11.55
C ARG A 524 -5.43 -3.02 -12.93
N ASN A 525 -5.37 -3.93 -13.89
CA ASN A 525 -5.53 -3.61 -15.27
C ASN A 525 -6.36 -4.72 -15.91
N PRO A 526 -7.68 -4.54 -15.91
CA PRO A 526 -8.71 -5.49 -16.36
C PRO A 526 -8.48 -5.99 -17.77
N GLU A 527 -7.87 -5.15 -18.61
CA GLU A 527 -7.69 -5.46 -20.02
C GLU A 527 -6.32 -6.01 -20.29
N GLN A 528 -5.54 -6.23 -19.24
CA GLN A 528 -4.25 -6.88 -19.45
C GLN A 528 -4.44 -8.38 -19.76
N LYS A 529 -3.76 -8.84 -20.80
CA LYS A 529 -3.83 -10.25 -21.11
C LYS A 529 -2.45 -10.85 -20.91
N ILE A 530 -2.36 -11.93 -20.15
CA ILE A 530 -1.10 -12.67 -20.05
C ILE A 530 -0.91 -13.48 -21.30
N GLY A 531 0.25 -13.37 -21.92
CA GLY A 531 0.55 -14.10 -23.14
C GLY A 531 0.83 -15.61 -22.99
N GLY A 532 1.49 -16.18 -24.00
CA GLY A 532 1.84 -17.59 -24.01
C GLY A 532 0.66 -18.46 -24.44
N ARG A 533 0.85 -19.77 -24.55
CA ARG A 533 -0.30 -20.60 -24.96
C ARG A 533 -0.66 -21.71 -23.98
N HIS A 534 -1.97 -21.90 -23.88
CA HIS A 534 -2.59 -23.01 -23.15
C HIS A 534 -3.58 -23.60 -24.13
N HIS A 535 -4.17 -24.74 -23.77
CA HIS A 535 -5.22 -25.36 -24.58
C HIS A 535 -6.59 -25.17 -23.93
N ILE B 7 55.19 44.12 -10.96
CA ILE B 7 54.83 45.53 -10.77
C ILE B 7 53.34 45.73 -11.13
N VAL B 8 52.72 44.73 -11.76
CA VAL B 8 51.34 44.93 -12.18
C VAL B 8 50.44 45.10 -10.95
N GLY B 9 49.58 46.10 -11.09
CA GLY B 9 49.27 47.07 -10.07
C GLY B 9 49.39 48.31 -10.93
N GLU B 10 50.21 48.22 -11.99
CA GLU B 10 50.15 49.11 -13.15
C GLU B 10 49.10 48.48 -14.06
N ALA B 11 48.61 47.34 -13.62
CA ALA B 11 47.41 46.72 -14.18
C ALA B 11 46.17 47.12 -13.39
N LEU B 12 46.32 47.36 -12.09
CA LEU B 12 45.16 47.82 -11.31
C LEU B 12 44.85 49.28 -11.61
N GLU B 13 45.85 50.01 -12.11
CA GLU B 13 45.60 51.30 -12.77
C GLU B 13 44.68 51.06 -13.97
N TYR B 14 44.78 49.87 -14.58
CA TYR B 14 44.12 49.63 -15.87
C TYR B 14 42.71 49.11 -15.78
N VAL B 15 42.35 48.44 -14.69
CA VAL B 15 40.94 48.13 -14.47
C VAL B 15 40.19 49.46 -14.33
N ASN B 16 40.83 50.40 -13.61
CA ASN B 16 40.35 51.76 -13.43
C ASN B 16 40.16 52.47 -14.76
N ILE B 17 41.22 52.57 -15.56
CA ILE B 17 41.09 53.11 -16.93
C ILE B 17 39.99 52.43 -17.74
N GLY B 18 40.02 51.09 -17.80
CA GLY B 18 39.07 50.33 -18.57
C GLY B 18 37.65 50.57 -18.11
N LEU B 19 37.49 50.61 -16.79
CA LEU B 19 36.22 50.99 -16.17
C LEU B 19 35.73 52.35 -16.68
N SER B 20 36.65 53.32 -16.79
CA SER B 20 36.25 54.63 -17.25
C SER B 20 35.87 54.58 -18.73
N HIS B 21 36.68 53.88 -19.54
CA HIS B 21 36.37 53.75 -20.96
C HIS B 21 35.01 53.08 -21.17
N PHE B 22 34.64 52.19 -20.25
CA PHE B 22 33.35 51.53 -20.36
C PHE B 22 32.22 52.52 -20.17
N LEU B 23 32.31 53.33 -19.13
CA LEU B 23 31.31 54.36 -18.88
C LEU B 23 31.24 55.38 -20.05
N ALA B 24 32.23 55.33 -20.93
CA ALA B 24 32.28 56.18 -22.12
C ALA B 24 32.11 55.40 -23.41
N LEU B 25 31.33 54.33 -23.35
CA LEU B 25 30.92 53.68 -24.59
C LEU B 25 29.69 54.39 -25.13
N PRO B 26 29.50 54.36 -26.45
CA PRO B 26 28.27 54.92 -26.98
C PRO B 26 27.14 54.13 -26.40
N LEU B 27 25.95 54.71 -26.39
CA LEU B 27 24.80 54.06 -25.74
C LEU B 27 24.29 52.91 -26.56
N ALA B 28 24.71 52.86 -27.82
CA ALA B 28 24.51 51.70 -28.69
C ALA B 28 25.13 50.47 -28.06
N GLN B 29 26.41 50.56 -27.76
CA GLN B 29 27.12 49.41 -27.22
C GLN B 29 26.88 49.22 -25.72
N ARG B 30 26.47 50.26 -24.99
CA ARG B 30 26.25 50.15 -23.54
C ARG B 30 24.98 49.33 -23.27
N ILE B 31 23.87 49.65 -23.93
CA ILE B 31 22.67 48.83 -23.78
C ILE B 31 22.91 47.36 -24.21
N SER B 32 23.67 47.17 -25.29
CA SER B 32 24.04 45.85 -25.77
C SER B 32 24.71 45.07 -24.66
N LEU B 33 25.47 45.79 -23.83
CA LEU B 33 26.13 45.18 -22.69
C LEU B 33 25.13 45.00 -21.56
N ILE B 34 24.15 45.90 -21.49
CA ILE B 34 23.13 45.82 -20.44
C ILE B 34 22.21 44.62 -20.67
N ILE B 35 22.27 44.05 -21.88
CA ILE B 35 21.56 42.82 -22.15
C ILE B 35 22.47 41.60 -22.29
N ILE B 36 23.73 41.79 -22.73
CA ILE B 36 24.59 40.62 -22.92
C ILE B 36 25.32 40.22 -21.64
N ILE B 37 25.61 41.19 -20.78
CA ILE B 37 26.19 40.85 -19.48
C ILE B 37 25.25 39.98 -18.62
N PRO B 38 23.95 40.36 -18.50
CA PRO B 38 23.10 39.49 -17.68
C PRO B 38 22.79 38.13 -18.33
N PHE B 39 22.69 38.12 -19.66
CA PHE B 39 22.44 36.89 -20.41
C PHE B 39 23.57 35.90 -20.19
N ILE B 40 24.81 36.38 -20.25
CA ILE B 40 25.98 35.53 -20.08
C ILE B 40 26.13 35.05 -18.63
N TYR B 41 25.87 35.93 -17.67
CA TYR B 41 26.05 35.56 -16.27
C TYR B 41 25.06 34.48 -15.81
N ASN B 42 23.84 34.56 -16.33
CA ASN B 42 22.84 33.55 -16.07
C ASN B 42 23.33 32.17 -16.54
N ILE B 43 23.80 32.12 -17.78
CA ILE B 43 24.20 30.86 -18.41
C ILE B 43 25.39 30.27 -17.68
N VAL B 44 26.26 31.13 -17.15
CA VAL B 44 27.41 30.64 -16.41
C VAL B 44 26.97 30.14 -15.05
N TRP B 45 26.03 30.86 -14.45
CA TRP B 45 25.55 30.53 -13.11
C TRP B 45 24.90 29.14 -13.05
N GLN B 46 24.14 28.82 -14.08
CA GLN B 46 23.50 27.51 -14.20
C GLN B 46 24.54 26.40 -14.28
N LEU B 47 25.52 26.59 -15.15
CA LEU B 47 26.63 25.66 -15.26
C LEU B 47 27.30 25.40 -13.91
N LEU B 48 27.50 26.47 -13.14
CA LEU B 48 28.05 26.34 -11.79
C LEU B 48 27.08 25.60 -10.88
N TYR B 49 25.78 25.94 -10.99
CA TYR B 49 24.71 25.35 -10.17
C TYR B 49 24.60 23.84 -10.34
N SER B 50 24.77 23.37 -11.58
CA SER B 50 24.59 21.97 -11.94
C SER B 50 25.62 21.03 -11.31
N LEU B 51 26.65 21.60 -10.69
CA LEU B 51 27.71 20.82 -10.09
C LEU B 51 27.51 20.72 -8.58
N ARG B 52 26.49 21.41 -8.08
CA ARG B 52 26.01 21.14 -6.74
C ARG B 52 25.26 19.80 -6.77
N LYS B 53 25.37 19.00 -5.73
CA LYS B 53 24.59 17.78 -5.73
C LYS B 53 23.68 17.79 -4.50
N ASP B 54 23.67 18.93 -3.80
CA ASP B 54 22.62 19.09 -2.80
C ASP B 54 21.45 19.89 -3.39
N ARG B 55 21.50 20.08 -4.71
CA ARG B 55 20.45 20.77 -5.44
C ARG B 55 19.87 19.86 -6.51
N PRO B 56 18.53 19.81 -6.58
CA PRO B 56 17.85 19.08 -7.65
C PRO B 56 18.13 19.77 -8.97
N PRO B 57 18.24 18.99 -10.05
CA PRO B 57 18.58 19.51 -11.38
C PRO B 57 17.72 20.68 -11.75
N LEU B 58 18.32 21.67 -12.41
CA LEU B 58 17.60 22.84 -12.85
C LEU B 58 17.37 22.80 -14.36
N VAL B 59 16.13 22.98 -14.77
CA VAL B 59 15.85 22.98 -16.20
C VAL B 59 16.61 24.13 -16.84
N PHE B 60 17.31 23.86 -17.93
CA PHE B 60 18.05 24.92 -18.59
C PHE B 60 17.13 25.94 -19.23
N TYR B 61 17.51 27.21 -19.20
CA TYR B 61 16.74 28.28 -19.84
C TYR B 61 17.64 29.38 -20.36
N TRP B 62 17.19 30.05 -21.42
CA TRP B 62 17.93 31.14 -22.04
C TRP B 62 17.66 32.52 -21.43
N ILE B 63 16.40 32.93 -21.44
CA ILE B 63 15.98 34.24 -20.96
C ILE B 63 15.94 34.32 -19.44
N PRO B 64 16.74 35.23 -18.85
CA PRO B 64 16.75 35.37 -17.38
C PRO B 64 15.43 35.88 -16.82
N TRP B 65 15.20 35.60 -15.53
CA TRP B 65 13.95 35.92 -14.83
C TRP B 65 12.69 35.23 -15.35
N VAL B 66 12.46 35.28 -16.67
CA VAL B 66 11.31 34.62 -17.27
C VAL B 66 11.40 33.10 -17.07
N GLY B 67 12.59 32.55 -17.30
CA GLY B 67 12.84 31.14 -17.06
C GLY B 67 11.98 30.30 -17.97
N SER B 68 11.51 29.16 -17.46
CA SER B 68 10.74 28.21 -18.24
C SER B 68 9.23 28.54 -18.31
N ALA B 69 8.86 29.77 -17.93
CA ALA B 69 7.47 30.19 -17.82
C ALA B 69 6.66 30.01 -19.11
N VAL B 70 7.31 30.10 -20.26
CA VAL B 70 6.52 30.00 -21.49
C VAL B 70 5.97 28.59 -21.61
N VAL B 71 6.84 27.60 -21.68
CA VAL B 71 6.36 26.23 -21.89
C VAL B 71 5.58 25.72 -20.68
N TYR B 72 6.00 26.06 -19.47
CA TYR B 72 5.26 25.63 -18.29
C TYR B 72 3.84 26.14 -18.36
N GLY B 73 3.68 27.42 -18.68
CA GLY B 73 2.37 28.02 -18.70
C GLY B 73 1.48 27.44 -19.77
N MET B 74 2.08 26.95 -20.85
CA MET B 74 1.31 26.47 -22.00
C MET B 74 0.99 24.98 -21.96
N LYS B 75 2.02 24.17 -21.76
CA LYS B 75 1.82 22.73 -21.76
C LYS B 75 2.48 22.14 -20.50
N PRO B 76 1.88 22.41 -19.33
CA PRO B 76 2.57 22.08 -18.09
C PRO B 76 2.73 20.60 -17.89
N TYR B 77 1.80 19.75 -18.34
CA TYR B 77 2.04 18.30 -18.18
C TYR B 77 3.13 17.78 -19.12
N GLU B 78 3.15 18.30 -20.34
CA GLU B 78 4.17 17.92 -21.30
C GLU B 78 5.53 18.44 -20.86
N PHE B 79 5.53 19.58 -20.18
CA PHE B 79 6.74 20.11 -19.61
C PHE B 79 7.24 19.12 -18.56
N PHE B 80 6.36 18.81 -17.63
CA PHE B 80 6.64 17.88 -16.55
C PHE B 80 7.13 16.54 -17.06
N GLU B 81 6.55 16.05 -18.16
CA GLU B 81 6.99 14.75 -18.63
C GLU B 81 8.43 14.83 -19.16
N GLU B 82 8.72 15.89 -19.89
CA GLU B 82 10.03 16.03 -20.51
C GLU B 82 11.11 16.17 -19.44
N CYS B 83 10.89 17.03 -18.44
CA CYS B 83 11.75 17.07 -17.24
C CYS B 83 11.83 15.72 -16.54
N GLN B 84 10.72 15.00 -16.43
CA GLN B 84 10.71 13.74 -15.72
C GLN B 84 11.60 12.74 -16.45
N LYS B 85 11.66 12.84 -17.78
CA LYS B 85 12.48 11.91 -18.53
C LYS B 85 13.97 12.15 -18.38
N LYS B 86 14.38 13.41 -18.26
CA LYS B 86 15.80 13.73 -18.17
C LYS B 86 16.36 13.87 -16.76
N TYR B 87 15.50 14.06 -15.76
CA TYR B 87 16.00 14.23 -14.42
C TYR B 87 15.29 13.41 -13.33
N GLY B 88 14.29 12.62 -13.70
CA GLY B 88 13.50 11.91 -12.71
C GLY B 88 12.44 12.81 -12.07
N ASP B 89 12.01 12.45 -10.87
CA ASP B 89 10.83 13.08 -10.28
C ASP B 89 11.06 14.38 -9.53
N ILE B 90 12.31 14.69 -9.21
CA ILE B 90 12.57 15.96 -8.57
C ILE B 90 13.45 16.80 -9.46
N PHE B 91 13.03 18.03 -9.71
CA PHE B 91 13.76 18.95 -10.57
C PHE B 91 13.23 20.33 -10.34
N SER B 92 14.08 21.33 -10.51
CA SER B 92 13.65 22.70 -10.37
C SER B 92 13.65 23.37 -11.71
N PHE B 93 12.84 24.40 -11.83
CA PHE B 93 12.84 25.21 -13.02
C PHE B 93 12.52 26.62 -12.58
N VAL B 94 12.87 27.62 -13.39
CA VAL B 94 12.66 29.00 -12.96
C VAL B 94 11.43 29.58 -13.67
N LEU B 95 10.69 30.39 -12.92
CA LEU B 95 9.39 30.90 -13.33
C LEU B 95 9.18 32.33 -12.86
N LEU B 96 9.18 33.26 -13.83
CA LEU B 96 8.92 34.69 -13.59
C LEU B 96 9.48 35.17 -12.26
N GLY B 97 10.79 34.99 -12.10
CA GLY B 97 11.47 35.49 -10.93
C GLY B 97 11.60 34.56 -9.76
N ARG B 98 10.98 33.38 -9.86
CA ARG B 98 10.97 32.46 -8.74
C ARG B 98 11.57 31.12 -9.16
N VAL B 99 12.01 30.34 -8.17
CA VAL B 99 12.53 29.01 -8.44
C VAL B 99 11.56 27.96 -7.95
N MET B 100 11.02 27.17 -8.86
CA MET B 100 10.02 26.18 -8.51
C MET B 100 10.65 24.81 -8.46
N THR B 101 10.63 24.15 -7.30
CA THR B 101 11.06 22.74 -7.27
C THR B 101 9.87 21.80 -7.33
N VAL B 102 9.74 21.10 -8.45
CA VAL B 102 8.65 20.17 -8.68
C VAL B 102 8.99 18.77 -8.19
N TYR B 103 8.12 18.17 -7.39
CA TYR B 103 8.31 16.76 -7.02
C TYR B 103 7.11 16.00 -7.57
N LEU B 104 7.33 15.29 -8.67
CA LEU B 104 6.27 14.50 -9.31
C LEU B 104 6.00 13.15 -8.62
N GLY B 105 4.73 12.75 -8.57
CA GLY B 105 4.38 11.43 -8.06
C GLY B 105 3.88 11.46 -6.64
N PRO B 106 3.40 10.31 -6.16
CA PRO B 106 2.88 10.18 -4.79
C PRO B 106 3.85 10.68 -3.72
N LYS B 107 5.15 10.42 -3.87
CA LYS B 107 6.12 10.87 -2.86
C LYS B 107 6.25 12.39 -2.92
N GLY B 108 5.88 12.95 -4.09
CA GLY B 108 5.74 14.37 -4.25
C GLY B 108 4.61 14.89 -3.40
N HIS B 109 3.47 14.22 -3.49
CA HIS B 109 2.29 14.64 -2.73
C HIS B 109 2.66 14.65 -1.27
N GLU B 110 3.37 13.61 -0.87
CA GLU B 110 3.78 13.41 0.51
C GLU B 110 4.70 14.54 0.98
N PHE B 111 5.71 14.83 0.18
CA PHE B 111 6.69 15.87 0.48
C PHE B 111 6.10 17.28 0.59
N VAL B 112 5.00 17.55 -0.09
CA VAL B 112 4.51 18.91 -0.08
C VAL B 112 3.21 19.04 0.70
N PHE B 113 2.32 18.07 0.53
CA PHE B 113 1.04 18.10 1.24
C PHE B 113 1.18 17.79 2.73
N ASN B 114 2.11 16.91 3.09
CA ASN B 114 2.26 16.58 4.51
C ASN B 114 3.46 17.29 5.17
N ALA B 115 4.04 18.28 4.47
CA ALA B 115 5.13 19.11 5.01
C ALA B 115 4.73 19.69 6.37
N LYS B 116 5.69 19.72 7.29
CA LYS B 116 5.46 20.32 8.61
C LYS B 116 5.07 21.80 8.41
N LEU B 117 4.20 22.32 9.26
CA LEU B 117 3.75 23.72 9.15
C LEU B 117 4.90 24.72 9.02
N ALA B 118 5.98 24.47 9.79
CA ALA B 118 7.17 25.28 9.79
C ALA B 118 7.99 25.26 8.48
N ASP B 119 7.87 24.22 7.67
CA ASP B 119 8.68 24.10 6.44
C ASP B 119 8.19 24.95 5.25
N VAL B 120 6.88 25.03 5.05
CA VAL B 120 6.33 25.69 3.87
C VAL B 120 5.17 26.57 4.26
N SER B 121 4.81 27.51 3.37
CA SER B 121 3.64 28.34 3.56
C SER B 121 2.75 28.38 2.31
N ALA B 122 1.47 28.08 2.49
CA ALA B 122 0.53 28.21 1.38
C ALA B 122 0.18 29.68 1.16
N GLU B 123 -0.07 30.42 2.24
CA GLU B 123 -0.47 31.83 2.11
C GLU B 123 0.67 32.67 1.56
N ALA B 124 1.91 32.30 1.84
CA ALA B 124 3.06 32.97 1.25
C ALA B 124 3.08 32.83 -0.26
N ALA B 125 2.38 31.81 -0.75
CA ALA B 125 2.34 31.52 -2.17
C ALA B 125 1.07 32.08 -2.79
N TYR B 126 -0.01 32.13 -2.02
CA TYR B 126 -1.33 32.32 -2.59
C TYR B 126 -1.95 33.70 -2.34
N ALA B 127 -1.60 34.32 -1.20
CA ALA B 127 -2.26 35.54 -0.73
C ALA B 127 -2.19 36.69 -1.74
N HIS B 128 -1.16 36.69 -2.57
CA HIS B 128 -1.03 37.78 -3.52
C HIS B 128 -2.08 37.69 -4.59
N LEU B 129 -2.49 36.47 -4.90
CA LEU B 129 -3.59 36.26 -5.84
C LEU B 129 -4.97 36.41 -5.20
N THR B 130 -5.13 35.86 -3.99
CA THR B 130 -6.46 35.73 -3.42
C THR B 130 -6.94 36.92 -2.61
N THR B 131 -6.07 37.48 -1.78
CA THR B 131 -6.51 38.56 -0.88
C THR B 131 -7.13 39.76 -1.60
N PRO B 132 -6.54 40.22 -2.73
CA PRO B 132 -7.19 41.26 -3.52
C PRO B 132 -8.63 40.94 -3.93
N VAL B 133 -8.89 39.65 -4.14
CA VAL B 133 -10.16 39.22 -4.69
C VAL B 133 -11.19 38.95 -3.62
N PHE B 134 -10.79 38.25 -2.57
CA PHE B 134 -11.78 37.83 -1.58
C PHE B 134 -12.04 38.94 -0.57
N GLY B 135 -11.03 39.78 -0.34
CA GLY B 135 -11.10 40.68 0.77
C GLY B 135 -10.02 40.28 1.74
N LYS B 136 -10.13 40.73 3.00
CA LYS B 136 -9.02 40.65 3.95
C LYS B 136 -9.38 39.82 5.19
N GLY B 137 -8.37 39.34 5.91
CA GLY B 137 -8.59 38.68 7.19
C GLY B 137 -9.16 37.29 7.06
N VAL B 138 -9.15 36.76 5.83
CA VAL B 138 -9.73 35.48 5.49
C VAL B 138 -8.85 34.71 4.52
N ILE B 139 -9.03 33.40 4.53
CA ILE B 139 -8.37 32.47 3.60
C ILE B 139 -6.84 32.55 3.76
N TYR B 140 -6.18 33.34 2.92
CA TYR B 140 -4.72 33.36 2.89
C TYR B 140 -4.21 34.70 3.43
N ASP B 141 -5.14 35.46 3.97
CA ASP B 141 -4.79 36.71 4.57
C ASP B 141 -5.04 36.60 6.05
N CYS B 142 -4.52 35.53 6.62
CA CYS B 142 -4.60 35.32 8.05
C CYS B 142 -3.59 34.23 8.37
N PRO B 143 -3.33 33.98 9.66
CA PRO B 143 -2.42 32.85 9.93
C PRO B 143 -3.10 31.48 9.76
N ASN B 144 -2.30 30.49 9.43
CA ASN B 144 -2.83 29.16 9.13
C ASN B 144 -3.82 28.69 10.18
N SER B 145 -3.60 29.10 11.41
CA SER B 145 -4.47 28.74 12.52
C SER B 145 -5.87 29.24 12.24
N ARG B 146 -5.95 30.46 11.71
CA ARG B 146 -7.23 31.08 11.42
C ARG B 146 -7.95 30.37 10.28
N LEU B 147 -7.21 30.17 9.19
CA LEU B 147 -7.64 29.35 8.05
C LEU B 147 -8.32 28.08 8.54
N MET B 148 -7.63 27.34 9.40
CA MET B 148 -8.11 26.06 9.87
C MET B 148 -9.51 26.15 10.50
N GLU B 149 -9.78 27.25 11.20
CA GLU B 149 -11.05 27.40 11.91
C GLU B 149 -12.11 27.89 10.95
N GLN B 150 -11.69 28.61 9.92
CA GLN B 150 -12.61 29.09 8.89
C GLN B 150 -13.15 27.92 8.09
N LYS B 151 -12.25 27.02 7.72
CA LYS B 151 -12.63 25.78 7.07
C LYS B 151 -13.60 25.02 7.98
N LYS B 152 -13.31 25.00 9.27
CA LYS B 152 -14.22 24.39 10.23
C LYS B 152 -15.59 25.06 10.19
N PHE B 153 -15.63 26.37 9.96
CA PHE B 153 -16.90 27.10 9.87
C PHE B 153 -17.67 26.65 8.65
N VAL B 154 -17.13 26.97 7.48
CA VAL B 154 -17.71 26.59 6.19
C VAL B 154 -18.18 25.16 6.17
N LYS B 155 -17.27 24.26 6.52
CA LYS B 155 -17.59 22.82 6.57
C LYS B 155 -18.74 22.48 7.53
N GLY B 156 -19.13 23.45 8.35
CA GLY B 156 -20.24 23.27 9.26
C GLY B 156 -21.54 23.66 8.58
N ALA B 157 -21.43 24.16 7.36
CA ALA B 157 -22.63 24.40 6.57
C ALA B 157 -22.63 23.44 5.39
N LEU B 158 -21.73 22.47 5.46
CA LEU B 158 -21.65 21.50 4.40
C LEU B 158 -21.95 20.16 5.00
N THR B 159 -23.14 20.02 5.56
CA THR B 159 -23.52 18.75 6.17
C THR B 159 -24.52 17.99 5.31
N LYS B 160 -24.63 16.69 5.57
CA LYS B 160 -25.60 15.86 4.86
C LYS B 160 -27.03 16.41 4.96
N GLU B 161 -27.37 17.04 6.07
CA GLU B 161 -28.70 17.61 6.23
C GLU B 161 -28.82 18.85 5.34
N ALA B 162 -27.76 19.65 5.32
CA ALA B 162 -27.64 20.78 4.41
C ALA B 162 -27.80 20.25 3.00
N PHE B 163 -27.04 19.21 2.68
CA PHE B 163 -27.08 18.64 1.35
C PHE B 163 -28.45 18.12 0.95
N LYS B 164 -29.23 17.63 1.90
CA LYS B 164 -30.57 17.18 1.54
C LYS B 164 -31.54 18.34 1.32
N SER B 165 -31.22 19.51 1.83
CA SER B 165 -32.05 20.67 1.53
C SER B 165 -31.61 21.37 0.25
N TYR B 166 -30.30 21.36 -0.02
CA TYR B 166 -29.77 22.01 -1.21
C TYR B 166 -30.24 21.31 -2.50
N VAL B 167 -30.48 19.99 -2.43
CA VAL B 167 -30.79 19.21 -3.63
C VAL B 167 -32.10 19.65 -4.30
N PRO B 168 -33.22 19.73 -3.57
CA PRO B 168 -34.37 20.28 -4.31
C PRO B 168 -34.17 21.72 -4.83
N LEU B 169 -33.42 22.55 -4.10
CA LEU B 169 -33.16 23.92 -4.48
C LEU B 169 -32.33 23.98 -5.77
N ILE B 170 -31.30 23.13 -5.82
CA ILE B 170 -30.40 23.03 -6.97
C ILE B 170 -31.14 22.53 -8.21
N ALA B 171 -32.02 21.57 -8.00
CA ALA B 171 -32.76 20.99 -9.09
C ALA B 171 -33.69 22.04 -9.64
N GLU B 172 -34.32 22.76 -8.71
CA GLU B 172 -35.23 23.82 -9.09
C GLU B 172 -34.47 24.79 -10.00
N GLU B 173 -33.25 25.18 -9.62
CA GLU B 173 -32.40 26.04 -10.42
C GLU B 173 -32.04 25.45 -11.80
N VAL B 174 -31.75 24.17 -11.89
CA VAL B 174 -31.43 23.61 -13.19
C VAL B 174 -32.66 23.67 -14.08
N TYR B 175 -33.79 23.20 -13.55
CA TYR B 175 -35.02 23.23 -14.35
C TYR B 175 -35.38 24.67 -14.75
N LYS B 176 -35.28 25.61 -13.82
CA LYS B 176 -35.58 26.99 -14.19
C LYS B 176 -34.63 27.45 -15.31
N TYR B 177 -33.39 26.99 -15.26
CA TYR B 177 -32.41 27.38 -16.27
C TYR B 177 -32.83 26.89 -17.65
N PHE B 178 -33.27 25.62 -17.70
CA PHE B 178 -33.72 24.97 -18.92
C PHE B 178 -34.94 25.63 -19.49
N ARG B 179 -35.84 26.03 -18.61
CA ARG B 179 -37.00 26.81 -19.01
C ARG B 179 -36.66 28.20 -19.55
N ASP B 180 -35.81 28.96 -18.85
CA ASP B 180 -35.71 30.42 -19.10
C ASP B 180 -34.48 30.87 -19.89
N SER B 181 -33.40 30.10 -19.87
CA SER B 181 -32.20 30.51 -20.58
C SER B 181 -32.34 30.50 -22.10
N LYS B 182 -31.77 31.52 -22.74
CA LYS B 182 -31.72 31.57 -24.18
C LYS B 182 -31.00 30.37 -24.77
N ASN B 183 -30.09 29.77 -24.01
CA ASN B 183 -29.36 28.59 -24.48
C ASN B 183 -30.23 27.33 -24.61
N PHE B 184 -31.32 27.29 -23.83
CA PHE B 184 -32.23 26.18 -23.84
C PHE B 184 -33.66 26.59 -24.26
N ARG B 185 -34.48 27.07 -23.33
CA ARG B 185 -35.92 27.32 -23.59
C ARG B 185 -36.54 26.02 -24.04
N LEU B 186 -36.59 25.03 -23.15
CA LEU B 186 -37.09 23.72 -23.52
C LEU B 186 -38.61 23.73 -23.81
N ASN B 187 -39.33 24.71 -23.27
CA ASN B 187 -40.78 24.78 -23.48
C ASN B 187 -41.11 25.21 -24.91
N GLU B 188 -40.09 25.70 -25.62
CA GLU B 188 -40.24 26.22 -26.98
C GLU B 188 -39.28 25.61 -28.01
N ARG B 189 -38.28 24.87 -27.57
CA ARG B 189 -37.35 24.22 -28.50
C ARG B 189 -37.10 22.78 -28.08
N THR B 190 -36.96 21.88 -29.04
CA THR B 190 -36.68 20.48 -28.76
C THR B 190 -35.23 20.15 -29.04
N THR B 191 -34.52 21.08 -29.68
CA THR B 191 -33.12 20.85 -30.01
C THR B 191 -32.41 22.18 -30.17
N GLY B 192 -31.10 22.19 -29.93
CA GLY B 192 -30.33 23.40 -30.00
C GLY B 192 -28.85 23.16 -29.79
N THR B 193 -28.07 24.23 -29.87
CA THR B 193 -26.64 24.17 -29.70
C THR B 193 -26.20 25.08 -28.56
N ILE B 194 -25.33 24.59 -27.68
CA ILE B 194 -24.85 25.44 -26.62
C ILE B 194 -23.35 25.36 -26.56
N ASP B 195 -22.73 26.46 -26.10
CA ASP B 195 -21.35 26.44 -25.66
C ASP B 195 -21.35 26.07 -24.17
N VAL B 196 -20.70 24.98 -23.83
CA VAL B 196 -20.70 24.54 -22.44
C VAL B 196 -19.91 25.52 -21.60
N MET B 197 -18.95 26.21 -22.20
CA MET B 197 -18.20 27.21 -21.45
C MET B 197 -19.05 28.42 -21.18
N VAL B 198 -20.16 28.56 -21.89
CA VAL B 198 -21.14 29.59 -21.58
C VAL B 198 -22.21 29.10 -20.58
N THR B 199 -22.84 27.96 -20.89
CA THR B 199 -23.94 27.43 -20.06
C THR B 199 -23.49 27.06 -18.68
N GLN B 200 -22.27 26.54 -18.57
CA GLN B 200 -21.88 25.92 -17.32
C GLN B 200 -21.50 26.82 -16.18
N PRO B 201 -20.78 27.90 -16.50
CA PRO B 201 -20.56 28.86 -15.43
C PRO B 201 -21.86 29.51 -14.91
N GLU B 202 -22.84 29.78 -15.77
CA GLU B 202 -24.08 30.41 -15.28
C GLU B 202 -24.84 29.41 -14.41
N MET B 203 -24.88 28.16 -14.87
CA MET B 203 -25.57 27.13 -14.11
C MET B 203 -24.85 26.91 -12.79
N THR B 204 -23.52 26.97 -12.81
CA THR B 204 -22.79 26.81 -11.56
C THR B 204 -23.12 27.94 -10.57
N ILE B 205 -23.08 29.19 -11.04
CA ILE B 205 -23.28 30.33 -10.14
C ILE B 205 -24.73 30.35 -9.59
N PHE B 206 -25.71 30.16 -10.47
CA PHE B 206 -27.13 30.06 -10.09
C PHE B 206 -27.41 29.02 -9.00
N THR B 207 -26.88 27.83 -9.20
CA THR B 207 -27.09 26.74 -8.25
C THR B 207 -26.29 27.01 -6.97
N ALA B 208 -25.03 27.41 -7.09
CA ALA B 208 -24.24 27.69 -5.88
C ALA B 208 -24.88 28.83 -5.05
N SER B 209 -25.23 29.94 -5.70
CA SER B 209 -25.90 31.07 -5.04
C SER B 209 -27.16 30.71 -4.26
N ARG B 210 -28.05 29.98 -4.91
CA ARG B 210 -29.33 29.67 -4.31
C ARG B 210 -29.16 28.82 -3.07
N SER B 211 -28.12 28.00 -3.04
CA SER B 211 -27.99 27.00 -1.99
C SER B 211 -27.05 27.48 -0.88
N LEU B 212 -25.87 27.96 -1.24
CA LEU B 212 -24.99 28.45 -0.21
C LEU B 212 -25.35 29.87 0.26
N LEU B 213 -25.78 30.74 -0.66
CA LEU B 213 -26.02 32.16 -0.32
C LEU B 213 -27.49 32.52 -0.13
N GLY B 214 -28.40 31.62 -0.50
CA GLY B 214 -29.82 31.86 -0.27
C GLY B 214 -30.58 32.57 -1.38
N LYS B 215 -31.90 32.65 -1.23
CA LYS B 215 -32.75 33.09 -2.33
C LYS B 215 -32.67 34.60 -2.60
N GLU B 216 -32.36 35.42 -1.57
CA GLU B 216 -32.10 36.85 -1.81
C GLU B 216 -30.92 37.00 -2.75
N MET B 217 -29.78 36.43 -2.36
CA MET B 217 -28.55 36.53 -3.14
C MET B 217 -28.66 35.88 -4.50
N ARG B 218 -29.44 34.79 -4.60
CA ARG B 218 -29.66 34.16 -5.89
C ARG B 218 -30.43 35.14 -6.75
N ALA B 219 -31.43 35.78 -6.15
CA ALA B 219 -32.29 36.70 -6.91
C ALA B 219 -31.51 37.87 -7.52
N LYS B 220 -30.49 38.38 -6.82
CA LYS B 220 -29.73 39.50 -7.37
C LYS B 220 -29.00 39.15 -8.67
N LEU B 221 -28.83 37.86 -8.96
CA LEU B 221 -28.11 37.45 -10.17
C LEU B 221 -28.95 37.64 -11.43
N ASP B 222 -30.25 37.85 -11.25
CA ASP B 222 -31.15 38.11 -12.37
C ASP B 222 -31.11 39.59 -12.77
N THR B 223 -30.18 40.34 -12.18
CA THR B 223 -30.09 41.77 -12.43
C THR B 223 -28.69 42.17 -12.89
N ASP B 224 -28.45 43.48 -12.93
CA ASP B 224 -27.16 44.03 -13.27
C ASP B 224 -26.11 43.70 -12.22
N PHE B 225 -26.56 43.48 -10.99
CA PHE B 225 -25.65 43.12 -9.91
C PHE B 225 -24.75 41.94 -10.30
N ALA B 226 -25.28 41.05 -11.13
CA ALA B 226 -24.55 39.89 -11.64
C ALA B 226 -23.22 40.27 -12.31
N TYR B 227 -23.19 41.43 -12.96
CA TYR B 227 -22.00 41.89 -13.64
C TYR B 227 -20.82 42.06 -12.68
N LEU B 228 -21.13 42.32 -11.41
CA LEU B 228 -20.09 42.45 -10.39
C LEU B 228 -19.34 41.12 -10.11
N TYR B 229 -20.06 40.00 -10.17
CA TYR B 229 -19.42 38.68 -10.07
C TYR B 229 -18.51 38.48 -11.26
N SER B 230 -18.96 38.95 -12.42
CA SER B 230 -18.16 38.90 -13.64
C SER B 230 -16.92 39.79 -13.55
N ASP B 231 -17.01 40.92 -12.84
CA ASP B 231 -15.86 41.79 -12.71
C ASP B 231 -14.86 41.15 -11.74
N LEU B 232 -15.40 40.67 -10.63
CA LEU B 232 -14.60 40.03 -9.60
C LEU B 232 -13.94 38.76 -10.16
N ASP B 233 -14.62 38.15 -11.14
CA ASP B 233 -14.12 36.95 -11.77
C ASP B 233 -12.79 37.14 -12.46
N LYS B 234 -12.66 38.25 -13.19
CA LYS B 234 -11.50 38.45 -14.05
C LYS B 234 -10.26 38.96 -13.31
N GLY B 235 -10.47 39.44 -12.08
CA GLY B 235 -9.36 39.83 -11.23
C GLY B 235 -8.71 38.62 -10.59
N PHE B 236 -9.33 37.46 -10.80
CA PHE B 236 -8.79 36.17 -10.35
C PHE B 236 -8.09 35.53 -11.55
N THR B 237 -6.88 36.00 -11.84
CA THR B 237 -6.14 35.61 -13.03
C THR B 237 -4.66 35.47 -12.68
N PRO B 238 -3.94 34.59 -13.39
CA PRO B 238 -2.51 34.40 -13.07
C PRO B 238 -1.70 35.67 -13.15
N ILE B 239 -2.08 36.64 -13.97
CA ILE B 239 -1.29 37.86 -14.14
C ILE B 239 -1.19 38.60 -12.81
N ASN B 240 -2.13 38.35 -11.92
CA ASN B 240 -2.02 38.82 -10.53
C ASN B 240 -0.81 38.23 -9.81
N PHE B 241 -0.13 37.25 -10.41
CA PHE B 241 1.09 36.67 -9.83
C PHE B 241 2.31 37.55 -10.08
N VAL B 242 2.39 38.15 -11.26
CA VAL B 242 3.55 38.95 -11.58
C VAL B 242 3.24 40.43 -11.52
N PHE B 243 2.04 40.79 -11.96
CA PHE B 243 1.55 42.17 -11.96
C PHE B 243 0.24 42.30 -11.16
N PRO B 244 0.34 42.21 -9.83
CA PRO B 244 -0.81 42.13 -8.92
C PRO B 244 -1.62 43.41 -8.80
N ASN B 245 -0.93 44.54 -8.68
CA ASN B 245 -1.63 45.82 -8.63
C ASN B 245 -1.11 46.80 -9.66
N LEU B 246 -1.80 46.84 -10.79
CA LEU B 246 -1.48 47.77 -11.86
C LEU B 246 -2.63 48.72 -12.04
N PRO B 247 -2.32 50.02 -11.95
CA PRO B 247 -3.38 51.03 -12.02
C PRO B 247 -4.15 51.10 -13.35
N LEU B 248 -4.64 49.98 -13.86
CA LEU B 248 -5.62 50.03 -14.95
C LEU B 248 -6.97 49.52 -14.42
N GLU B 249 -8.03 49.62 -15.22
CA GLU B 249 -9.42 49.53 -14.71
C GLU B 249 -9.93 48.10 -14.40
N HIS B 250 -9.42 47.13 -15.14
CA HIS B 250 -9.68 45.75 -14.87
C HIS B 250 -9.45 45.46 -13.37
N TYR B 251 -8.44 46.11 -12.81
CA TYR B 251 -8.08 45.97 -11.40
C TYR B 251 -9.02 46.66 -10.41
N ARG B 252 -9.61 47.77 -10.82
CA ARG B 252 -10.45 48.52 -9.88
C ARG B 252 -11.91 48.16 -10.05
N LYS B 253 -12.28 47.65 -11.22
CA LYS B 253 -13.57 46.97 -11.37
C LYS B 253 -13.57 45.73 -10.50
N ARG B 254 -12.40 45.12 -10.36
CA ARG B 254 -12.19 44.02 -9.45
C ARG B 254 -12.43 44.44 -8.00
N ASP B 255 -11.72 45.48 -7.58
CA ASP B 255 -11.80 45.97 -6.20
C ASP B 255 -13.14 46.60 -5.89
N HIS B 256 -13.74 47.25 -6.89
CA HIS B 256 -15.07 47.79 -6.73
C HIS B 256 -16.03 46.66 -6.39
N ALA B 257 -16.08 45.69 -7.30
CA ALA B 257 -16.89 44.47 -7.14
C ALA B 257 -16.70 43.81 -5.79
N GLN B 258 -15.44 43.71 -5.35
CA GLN B 258 -15.14 43.13 -4.05
C GLN B 258 -15.87 43.90 -2.95
N LYS B 259 -15.74 45.22 -2.97
CA LYS B 259 -16.43 46.10 -2.03
C LYS B 259 -17.95 45.96 -2.18
N ALA B 260 -18.42 46.10 -3.43
CA ALA B 260 -19.86 46.06 -3.71
C ALA B 260 -20.51 44.77 -3.23
N ILE B 261 -19.99 43.63 -3.70
CA ILE B 261 -20.57 42.34 -3.34
C ILE B 261 -20.43 42.10 -1.85
N SER B 262 -19.27 42.42 -1.27
CA SER B 262 -19.13 42.18 0.17
C SER B 262 -20.17 43.01 0.92
N GLY B 263 -20.38 44.23 0.44
CA GLY B 263 -21.34 45.13 1.05
C GLY B 263 -22.72 44.55 1.03
N THR B 264 -23.11 43.99 -0.12
CA THR B 264 -24.40 43.32 -0.26
C THR B 264 -24.60 42.20 0.76
N TYR B 265 -23.57 41.39 0.97
CA TYR B 265 -23.69 40.28 1.90
C TYR B 265 -23.85 40.82 3.32
N MET B 266 -22.98 41.75 3.71
CA MET B 266 -23.06 42.35 5.04
C MET B 266 -24.41 43.02 5.24
N SER B 267 -24.87 43.69 4.19
CA SER B 267 -26.19 44.30 4.24
C SER B 267 -27.22 43.24 4.67
N LEU B 268 -27.23 42.11 3.97
CA LEU B 268 -28.17 41.04 4.29
C LEU B 268 -27.83 40.42 5.65
N ILE B 269 -26.54 40.27 5.97
CA ILE B 269 -26.13 39.76 7.28
C ILE B 269 -26.68 40.60 8.44
N LYS B 270 -26.38 41.90 8.45
CA LYS B 270 -26.79 42.79 9.54
C LYS B 270 -28.29 42.83 9.68
N GLU B 271 -28.96 42.74 8.54
CA GLU B 271 -30.39 42.90 8.50
C GLU B 271 -31.10 41.64 9.00
N ARG B 272 -30.40 40.52 8.96
CA ARG B 272 -30.93 39.30 9.55
C ARG B 272 -30.74 39.34 11.05
N ARG B 273 -29.68 39.98 11.53
CA ARG B 273 -29.36 39.89 12.97
C ARG B 273 -30.27 40.64 13.95
N LYS B 274 -30.69 41.87 13.62
CA LYS B 274 -31.67 42.59 14.40
C LYS B 274 -33.11 42.53 13.86
N ASN B 275 -33.35 41.57 12.98
CA ASN B 275 -34.69 41.01 12.76
C ASN B 275 -34.71 39.66 13.48
N ASN B 276 -33.51 39.20 13.84
CA ASN B 276 -33.28 37.87 14.41
C ASN B 276 -33.95 36.88 13.47
N ASP B 277 -33.70 37.07 12.18
CA ASP B 277 -34.09 36.17 11.11
C ASP B 277 -32.92 35.20 10.81
N ILE B 278 -32.57 34.39 11.81
CA ILE B 278 -31.43 33.50 11.70
C ILE B 278 -31.82 32.03 11.82
N GLN B 279 -31.92 31.36 10.67
CA GLN B 279 -32.28 29.94 10.63
C GLN B 279 -31.11 29.04 10.27
N ASP B 280 -31.39 28.08 9.38
CA ASP B 280 -30.40 27.12 8.90
C ASP B 280 -30.36 27.11 7.38
N ARG B 281 -31.06 28.05 6.77
CA ARG B 281 -31.31 28.00 5.34
C ARG B 281 -30.04 27.95 4.51
N ASP B 282 -29.03 28.72 4.87
CA ASP B 282 -27.83 28.74 4.05
C ASP B 282 -26.52 28.93 4.84
N LEU B 283 -25.43 29.11 4.12
CA LEU B 283 -24.13 29.28 4.71
C LEU B 283 -24.09 30.59 5.52
N ILE B 284 -24.87 31.57 5.06
CA ILE B 284 -24.93 32.87 5.71
C ILE B 284 -25.50 32.77 7.13
N ASP B 285 -26.66 32.13 7.27
CA ASP B 285 -27.17 31.79 8.60
C ASP B 285 -26.09 31.07 9.40
N SER B 286 -25.48 30.05 8.78
CA SER B 286 -24.47 29.23 9.45
C SER B 286 -23.27 30.03 9.93
N LEU B 287 -22.70 30.86 9.05
CA LEU B 287 -21.53 31.62 9.45
C LEU B 287 -21.89 32.62 10.54
N MET B 288 -23.11 33.14 10.49
CA MET B 288 -23.56 34.05 11.54
C MET B 288 -23.61 33.33 12.90
N LYS B 289 -24.27 32.17 12.95
CA LYS B 289 -24.34 31.42 14.20
C LYS B 289 -23.01 30.81 14.60
N ASN B 290 -22.02 30.82 13.71
CA ASN B 290 -20.83 29.98 13.91
C ASN B 290 -19.55 30.50 13.25
N SER B 291 -18.91 31.47 13.88
CA SER B 291 -17.69 32.06 13.33
C SER B 291 -16.84 32.69 14.45
N THR B 292 -16.93 32.09 15.64
CA THR B 292 -16.13 32.55 16.77
C THR B 292 -14.88 31.68 16.90
N TYR B 293 -13.71 32.28 16.72
CA TYR B 293 -12.49 31.50 16.86
C TYR B 293 -12.32 30.90 18.26
N LYS B 294 -11.38 29.97 18.38
CA LYS B 294 -11.15 29.28 19.63
C LYS B 294 -10.57 30.21 20.69
N ASP B 295 -9.78 31.21 20.25
CA ASP B 295 -9.18 32.14 21.19
C ASP B 295 -10.21 33.15 21.70
N GLY B 296 -11.42 33.09 21.15
CA GLY B 296 -12.54 33.89 21.60
C GLY B 296 -12.97 35.01 20.66
N VAL B 297 -12.12 35.33 19.68
CA VAL B 297 -12.46 36.38 18.72
C VAL B 297 -13.57 35.91 17.77
N LYS B 298 -14.44 36.84 17.39
CA LYS B 298 -15.49 36.55 16.42
C LYS B 298 -15.13 37.18 15.10
N MET B 299 -15.63 36.57 14.04
CA MET B 299 -15.39 37.09 12.70
C MET B 299 -16.20 38.36 12.57
N THR B 300 -15.55 39.43 12.09
CA THR B 300 -16.27 40.64 11.76
C THR B 300 -17.21 40.31 10.65
N ASP B 301 -18.27 41.09 10.53
CA ASP B 301 -19.19 40.95 9.44
C ASP B 301 -18.46 41.08 8.10
N GLN B 302 -17.42 41.91 8.03
CA GLN B 302 -16.69 42.00 6.77
C GLN B 302 -15.96 40.69 6.50
N GLU B 303 -15.34 40.13 7.54
CA GLU B 303 -14.53 38.93 7.37
C GLU B 303 -15.43 37.79 6.87
N ILE B 304 -16.55 37.58 7.57
CA ILE B 304 -17.59 36.65 7.15
C ILE B 304 -17.97 36.78 5.67
N ALA B 305 -18.26 38.00 5.24
CA ALA B 305 -18.65 38.25 3.85
C ALA B 305 -17.50 37.92 2.90
N ASN B 306 -16.28 38.16 3.33
CA ASN B 306 -15.15 37.90 2.47
C ASN B 306 -14.93 36.38 2.33
N LEU B 307 -15.29 35.63 3.38
CA LEU B 307 -15.19 34.19 3.37
C LEU B 307 -16.24 33.64 2.40
N LEU B 308 -17.39 34.33 2.29
CA LEU B 308 -18.44 33.96 1.36
C LEU B 308 -17.96 34.10 -0.07
N ILE B 309 -17.40 35.25 -0.39
CA ILE B 309 -16.85 35.46 -1.71
C ILE B 309 -15.87 34.35 -2.02
N GLY B 310 -15.02 34.02 -1.04
CA GLY B 310 -13.97 33.03 -1.22
C GLY B 310 -14.53 31.64 -1.47
N VAL B 311 -15.46 31.21 -0.63
CA VAL B 311 -16.05 29.90 -0.76
C VAL B 311 -16.73 29.75 -2.13
N LEU B 312 -17.57 30.71 -2.50
CA LEU B 312 -18.26 30.71 -3.79
C LEU B 312 -17.30 30.76 -4.97
N MET B 313 -16.21 31.48 -4.85
CA MET B 313 -15.28 31.61 -5.96
C MET B 313 -14.58 30.28 -6.25
N GLY B 314 -14.24 29.54 -5.20
CA GLY B 314 -13.46 28.33 -5.35
C GLY B 314 -14.31 27.20 -5.90
N GLY B 315 -15.59 27.26 -5.54
CA GLY B 315 -16.56 26.32 -6.04
C GLY B 315 -17.03 26.70 -7.42
N GLN B 316 -16.80 27.93 -7.82
CA GLN B 316 -17.29 28.36 -9.12
C GLN B 316 -16.46 27.74 -10.23
N HIS B 317 -15.16 27.97 -10.22
CA HIS B 317 -14.32 27.65 -11.37
C HIS B 317 -14.06 26.15 -11.53
N THR B 318 -13.83 25.47 -10.41
CA THR B 318 -13.56 24.05 -10.40
C THR B 318 -14.79 23.25 -10.81
N SER B 319 -15.93 23.53 -10.17
CA SER B 319 -17.19 22.87 -10.52
C SER B 319 -17.62 23.14 -11.94
N ALA B 320 -17.61 24.40 -12.35
CA ALA B 320 -18.06 24.74 -13.71
C ALA B 320 -17.20 24.04 -14.77
N ALA B 321 -15.90 24.00 -14.54
CA ALA B 321 -15.03 23.33 -15.49
C ALA B 321 -15.33 21.83 -15.55
N THR B 322 -15.64 21.23 -14.40
CA THR B 322 -15.78 19.80 -14.35
C THR B 322 -17.06 19.42 -15.05
N SER B 323 -18.07 20.25 -14.75
CA SER B 323 -19.40 20.14 -15.34
C SER B 323 -19.29 20.28 -16.86
N ALA B 324 -18.45 21.20 -17.32
CA ALA B 324 -18.19 21.33 -18.74
C ALA B 324 -17.57 20.07 -19.33
N TRP B 325 -16.49 19.57 -18.72
CA TRP B 325 -15.76 18.38 -19.21
C TRP B 325 -16.67 17.16 -19.27
N ILE B 326 -17.49 16.96 -18.26
CA ILE B 326 -18.39 15.82 -18.23
C ILE B 326 -19.25 15.83 -19.46
N LEU B 327 -19.78 17.02 -19.79
CA LEU B 327 -20.68 17.15 -20.94
C LEU B 327 -19.91 16.87 -22.21
N LEU B 328 -18.69 17.38 -22.29
CA LEU B 328 -17.96 17.20 -23.53
C LEU B 328 -17.56 15.75 -23.72
N HIS B 329 -17.25 15.06 -22.64
CA HIS B 329 -16.87 13.66 -22.76
C HIS B 329 -18.08 12.78 -23.04
N LEU B 330 -19.22 13.13 -22.47
CA LEU B 330 -20.41 12.33 -22.73
C LEU B 330 -20.95 12.58 -24.13
N ALA B 331 -20.69 13.77 -24.66
CA ALA B 331 -21.19 14.12 -25.99
C ALA B 331 -20.69 13.16 -27.06
N GLU B 332 -19.60 12.44 -26.82
CA GLU B 332 -19.12 11.51 -27.84
C GLU B 332 -19.27 10.06 -27.40
N ARG B 333 -20.00 9.86 -26.31
CA ARG B 333 -20.18 8.53 -25.76
C ARG B 333 -21.63 8.32 -25.42
N PRO B 334 -22.47 8.15 -26.44
CA PRO B 334 -23.89 7.84 -26.23
C PRO B 334 -24.09 6.49 -25.50
N ASP B 335 -23.07 5.63 -25.53
CA ASP B 335 -23.15 4.39 -24.77
C ASP B 335 -23.15 4.69 -23.26
N VAL B 336 -22.34 5.67 -22.86
CA VAL B 336 -22.29 6.11 -21.46
C VAL B 336 -23.53 6.95 -21.07
N GLN B 337 -24.05 7.78 -21.98
CA GLN B 337 -25.32 8.50 -21.69
C GLN B 337 -26.43 7.47 -21.51
N GLN B 338 -26.40 6.45 -22.36
CA GLN B 338 -27.41 5.40 -22.30
C GLN B 338 -27.40 4.66 -20.97
N GLU B 339 -26.19 4.25 -20.57
CA GLU B 339 -25.90 3.64 -19.27
C GLU B 339 -26.28 4.52 -18.08
N LEU B 340 -25.87 5.79 -18.13
CA LEU B 340 -26.26 6.71 -17.08
C LEU B 340 -27.78 6.90 -17.00
N TYR B 341 -28.46 6.87 -18.15
CA TYR B 341 -29.92 7.05 -18.17
C TYR B 341 -30.67 5.89 -17.56
N GLU B 342 -30.21 4.66 -17.83
CA GLU B 342 -30.86 3.48 -17.28
C GLU B 342 -30.77 3.53 -15.76
N GLU B 343 -29.63 3.96 -15.25
CA GLU B 343 -29.48 4.08 -13.80
C GLU B 343 -30.45 5.14 -13.24
N GLN B 344 -30.65 6.24 -13.98
CA GLN B 344 -31.64 7.22 -13.57
C GLN B 344 -33.02 6.56 -13.47
N MET B 345 -33.36 5.77 -14.48
CA MET B 345 -34.64 5.06 -14.49
C MET B 345 -34.73 4.05 -13.37
N ARG B 346 -33.67 3.28 -13.17
CA ARG B 346 -33.67 2.27 -12.11
C ARG B 346 -33.81 2.92 -10.76
N VAL B 347 -32.97 3.94 -10.49
CA VAL B 347 -32.97 4.58 -9.17
C VAL B 347 -34.17 5.50 -8.96
N LEU B 348 -34.62 6.21 -9.99
CA LEU B 348 -35.70 7.15 -9.72
C LEU B 348 -37.04 6.59 -10.14
N ASP B 349 -37.08 5.26 -10.26
CA ASP B 349 -38.30 4.56 -10.61
C ASP B 349 -38.99 5.21 -11.81
N GLY B 350 -38.31 5.20 -12.94
CA GLY B 350 -38.86 5.74 -14.16
C GLY B 350 -39.13 7.22 -14.08
N GLY B 351 -38.69 7.86 -13.00
CA GLY B 351 -38.92 9.27 -12.82
C GLY B 351 -40.07 9.57 -11.88
N LYS B 352 -40.73 8.53 -11.38
CA LYS B 352 -41.85 8.76 -10.49
C LYS B 352 -41.33 8.98 -9.07
N LYS B 353 -40.02 8.86 -8.88
CA LYS B 353 -39.39 9.25 -7.61
C LYS B 353 -38.73 10.62 -7.74
N GLU B 354 -38.80 11.42 -6.69
CA GLU B 354 -38.17 12.75 -6.71
C GLU B 354 -36.71 12.63 -6.30
N LEU B 355 -35.85 13.46 -6.89
CA LEU B 355 -34.42 13.39 -6.62
C LEU B 355 -34.10 13.89 -5.23
N THR B 356 -33.25 13.18 -4.51
CA THR B 356 -32.92 13.51 -3.13
C THR B 356 -31.46 13.23 -2.90
N TYR B 357 -30.89 13.80 -1.84
CA TYR B 357 -29.47 13.58 -1.57
C TYR B 357 -29.21 12.11 -1.27
N ASP B 358 -30.19 11.44 -0.68
CA ASP B 358 -30.05 10.04 -0.42
C ASP B 358 -30.00 9.26 -1.73
N LEU B 359 -30.97 9.51 -2.59
CA LEU B 359 -31.02 8.82 -3.88
C LEU B 359 -29.78 9.09 -4.73
N LEU B 360 -29.19 10.27 -4.59
CA LEU B 360 -27.94 10.60 -5.27
C LEU B 360 -26.84 9.63 -4.93
N GLN B 361 -26.84 9.18 -3.68
CA GLN B 361 -25.77 8.32 -3.20
C GLN B 361 -25.92 6.93 -3.80
N GLU B 362 -27.09 6.63 -4.34
CA GLU B 362 -27.28 5.32 -4.93
C GLU B 362 -27.18 5.34 -6.44
N MET B 363 -26.55 6.37 -7.00
CA MET B 363 -26.26 6.41 -8.44
C MET B 363 -24.77 6.26 -8.67
N PRO B 364 -24.25 5.03 -8.57
CA PRO B 364 -22.80 4.88 -8.64
C PRO B 364 -22.19 5.24 -10.00
N LEU B 365 -22.86 4.94 -11.11
CA LEU B 365 -22.27 5.27 -12.40
C LEU B 365 -22.16 6.78 -12.62
N LEU B 366 -23.16 7.51 -12.13
CA LEU B 366 -23.17 8.94 -12.17
C LEU B 366 -21.95 9.49 -11.43
N ASN B 367 -21.72 8.97 -10.23
CA ASN B 367 -20.65 9.46 -9.38
C ASN B 367 -19.29 8.99 -9.90
N GLN B 368 -19.31 7.99 -10.75
CA GLN B 368 -18.07 7.50 -11.33
C GLN B 368 -17.64 8.37 -12.49
N THR B 369 -18.64 8.97 -13.14
CA THR B 369 -18.42 9.86 -14.26
C THR B 369 -17.75 11.13 -13.78
N ILE B 370 -18.26 11.67 -12.68
CA ILE B 370 -17.63 12.78 -12.04
C ILE B 370 -16.20 12.38 -11.64
N LYS B 371 -16.10 11.24 -10.96
CA LYS B 371 -14.81 10.75 -10.48
C LYS B 371 -13.81 10.65 -11.63
N GLU B 372 -14.25 10.10 -12.76
CA GLU B 372 -13.37 9.88 -13.90
C GLU B 372 -12.98 11.20 -14.58
N THR B 373 -13.97 12.06 -14.83
CA THR B 373 -13.73 13.43 -15.26
C THR B 373 -12.72 14.20 -14.41
N LEU B 374 -12.93 14.19 -13.10
CA LEU B 374 -11.95 14.79 -12.24
C LEU B 374 -10.60 14.11 -12.34
N ARG B 375 -10.56 12.89 -12.86
CA ARG B 375 -9.27 12.22 -12.99
C ARG B 375 -8.53 12.74 -14.21
N MET B 376 -9.24 12.89 -15.32
CA MET B 376 -8.61 13.30 -16.57
C MET B 376 -8.48 14.81 -16.69
N HIS B 377 -9.21 15.52 -15.85
CA HIS B 377 -9.27 16.97 -15.95
C HIS B 377 -9.31 17.58 -14.57
N HIS B 378 -8.21 17.46 -13.85
CA HIS B 378 -8.11 18.13 -12.60
C HIS B 378 -8.08 19.61 -12.89
N PRO B 379 -8.98 20.37 -12.25
CA PRO B 379 -9.11 21.81 -12.49
C PRO B 379 -7.80 22.57 -12.22
N LEU B 380 -7.18 22.27 -11.09
CA LEU B 380 -5.97 22.97 -10.65
C LEU B 380 -4.73 22.11 -10.93
N HIS B 381 -4.01 22.40 -12.01
CA HIS B 381 -2.92 21.52 -12.46
C HIS B 381 -1.62 21.65 -11.64
N SER B 382 -1.61 22.55 -10.66
CA SER B 382 -0.42 22.82 -9.88
C SER B 382 -0.83 23.40 -8.55
N LEU B 383 -0.29 22.89 -7.45
CA LEU B 383 -0.46 23.62 -6.20
C LEU B 383 0.93 23.99 -5.73
N PHE B 384 1.09 25.22 -5.24
CA PHE B 384 2.41 25.66 -4.78
C PHE B 384 2.49 25.84 -3.28
N ARG B 385 3.72 25.82 -2.79
CA ARG B 385 4.04 26.32 -1.46
C ARG B 385 5.29 27.19 -1.60
N LYS B 386 5.55 28.04 -0.61
CA LYS B 386 6.86 28.66 -0.56
C LYS B 386 7.59 28.05 0.62
N VAL B 387 8.89 27.80 0.44
CA VAL B 387 9.67 27.12 1.47
C VAL B 387 10.15 28.10 2.54
N MET B 388 9.86 27.80 3.80
CA MET B 388 10.19 28.70 4.88
C MET B 388 11.49 28.26 5.58
N LYS B 389 11.70 26.96 5.71
CA LYS B 389 12.96 26.43 6.25
C LYS B 389 13.57 25.47 5.25
N ASP B 390 14.89 25.49 5.11
CA ASP B 390 15.61 24.50 4.33
C ASP B 390 15.09 23.09 4.59
N MET B 391 14.72 22.42 3.51
CA MET B 391 14.09 21.11 3.62
C MET B 391 14.99 20.01 3.10
N HIS B 392 15.17 18.97 3.88
CA HIS B 392 15.87 17.82 3.34
C HIS B 392 14.86 16.91 2.68
N VAL B 393 15.17 16.56 1.43
CA VAL B 393 14.40 15.61 0.67
C VAL B 393 14.97 14.24 0.92
N PRO B 394 14.23 13.38 1.63
CA PRO B 394 14.64 11.97 1.71
C PRO B 394 14.22 11.26 0.45
N ASN B 395 14.89 10.21 0.02
CA ASN B 395 16.18 9.77 0.52
C ASN B 395 17.22 10.21 -0.51
N THR B 396 17.63 11.48 -0.47
CA THR B 396 18.60 12.00 -1.43
C THR B 396 19.60 12.90 -0.72
N SER B 397 20.51 13.49 -1.48
CA SER B 397 21.44 14.47 -0.92
C SER B 397 20.91 15.90 -1.15
N TYR B 398 19.69 15.99 -1.69
CA TYR B 398 19.07 17.27 -2.05
C TYR B 398 18.57 18.08 -0.87
N ALA B 399 18.93 19.35 -0.84
CA ALA B 399 18.36 20.29 0.12
C ALA B 399 17.57 21.35 -0.64
N ILE B 400 16.30 21.55 -0.28
CA ILE B 400 15.52 22.65 -0.86
C ILE B 400 15.61 23.89 0.04
N PRO B 401 16.40 24.89 -0.39
CA PRO B 401 16.68 26.07 0.44
C PRO B 401 15.46 26.98 0.60
N ALA B 402 15.23 27.50 1.80
CA ALA B 402 14.13 28.45 2.03
C ALA B 402 14.14 29.56 0.97
N GLY B 403 12.96 30.05 0.61
CA GLY B 403 12.85 31.03 -0.46
C GLY B 403 12.59 30.37 -1.80
N TYR B 404 12.82 29.05 -1.86
CA TYR B 404 12.36 28.25 -3.00
C TYR B 404 10.85 27.97 -2.90
N HIS B 405 10.29 27.52 -4.01
CA HIS B 405 8.91 27.03 -4.02
C HIS B 405 8.83 25.58 -4.41
N VAL B 406 8.03 24.83 -3.66
CA VAL B 406 7.73 23.48 -4.08
C VAL B 406 6.38 23.45 -4.81
N LEU B 407 6.30 22.60 -5.83
CA LEU B 407 5.11 22.47 -6.65
C LEU B 407 4.69 21.03 -6.72
N VAL B 408 3.44 20.77 -6.36
CA VAL B 408 2.89 19.44 -6.48
C VAL B 408 1.77 19.43 -7.55
N SER B 409 1.67 18.34 -8.29
CA SER B 409 0.75 18.24 -9.41
C SER B 409 0.08 16.87 -9.48
N PRO B 410 -0.81 16.59 -8.53
CA PRO B 410 -1.46 15.28 -8.54
C PRO B 410 -2.16 14.95 -9.87
N GLY B 411 -2.68 15.96 -10.55
CA GLY B 411 -3.30 15.79 -11.85
C GLY B 411 -2.35 15.26 -12.91
N TYR B 412 -1.04 15.43 -12.72
CA TYR B 412 -0.08 14.83 -13.63
C TYR B 412 -0.05 13.32 -13.39
N THR B 413 -0.11 12.92 -12.11
CA THR B 413 -0.11 11.49 -11.77
C THR B 413 -1.36 10.80 -12.32
N HIS B 414 -2.47 11.53 -12.27
CA HIS B 414 -3.74 11.05 -12.77
C HIS B 414 -3.64 10.61 -14.21
N LEU B 415 -2.74 11.23 -14.94
CA LEU B 415 -2.68 10.94 -16.35
C LEU B 415 -1.54 9.99 -16.70
N ARG B 416 -1.04 9.27 -15.71
CA ARG B 416 0.07 8.33 -15.91
C ARG B 416 -0.43 6.88 -15.97
N ASP B 417 -0.06 6.16 -17.04
CA ASP B 417 -0.44 4.76 -17.21
C ASP B 417 0.01 3.86 -16.08
N GLU B 418 1.22 4.08 -15.54
CA GLU B 418 1.65 3.30 -14.39
C GLU B 418 0.59 3.26 -13.31
N TYR B 419 -0.05 4.39 -13.01
CA TYR B 419 -1.06 4.37 -11.95
C TYR B 419 -2.48 4.24 -12.45
N PHE B 420 -2.70 4.47 -13.73
CA PHE B 420 -4.02 4.33 -14.30
C PHE B 420 -3.87 3.75 -15.68
N PRO B 421 -4.14 2.45 -15.82
CA PRO B 421 -3.97 1.83 -17.14
C PRO B 421 -4.80 2.59 -18.17
N ASN B 422 -4.19 2.91 -19.30
CA ASN B 422 -4.85 3.64 -20.39
C ASN B 422 -5.38 4.96 -19.89
N ALA B 423 -4.46 5.73 -19.30
CA ALA B 423 -4.80 6.87 -18.48
C ALA B 423 -5.55 7.94 -19.26
N HIS B 424 -5.32 7.95 -20.57
CA HIS B 424 -5.87 8.96 -21.44
C HIS B 424 -7.16 8.51 -22.06
N GLN B 425 -7.70 7.40 -21.57
CA GLN B 425 -8.96 6.88 -22.07
C GLN B 425 -10.04 7.15 -21.01
N PHE B 426 -11.09 7.86 -21.39
CA PHE B 426 -12.17 8.16 -20.48
C PHE B 426 -12.99 6.91 -20.30
N ASN B 427 -12.97 6.38 -19.07
CA ASN B 427 -13.52 5.06 -18.76
C ASN B 427 -14.05 5.09 -17.33
N ILE B 428 -15.35 5.25 -17.18
CA ILE B 428 -15.93 5.41 -15.86
C ILE B 428 -15.87 4.08 -15.16
N HIS B 429 -15.71 3.02 -15.93
CA HIS B 429 -15.76 1.66 -15.38
C HIS B 429 -14.47 1.27 -14.70
N ARG B 430 -13.42 2.07 -14.87
CA ARG B 430 -12.22 1.89 -14.08
C ARG B 430 -12.53 2.17 -12.59
N TRP B 431 -13.72 2.71 -12.29
CA TRP B 431 -14.09 2.95 -10.90
C TRP B 431 -15.24 2.08 -10.38
N ASN B 432 -15.51 0.95 -11.07
CA ASN B 432 -16.55 0.02 -10.61
C ASN B 432 -16.32 -0.39 -9.17
N ASN B 433 -17.37 -0.29 -8.36
CA ASN B 433 -17.31 -0.66 -6.93
C ASN B 433 -16.37 0.29 -6.17
N ASP B 434 -16.33 1.53 -6.63
CA ASP B 434 -15.34 2.49 -6.14
C ASP B 434 -15.71 3.94 -6.49
N SER B 435 -16.95 4.32 -6.20
CA SER B 435 -17.52 5.60 -6.65
C SER B 435 -17.45 6.73 -5.62
N ALA B 436 -16.77 6.48 -4.51
CA ALA B 436 -16.59 7.50 -3.48
C ALA B 436 -15.77 8.65 -4.02
N SER B 437 -16.22 9.88 -3.75
CA SER B 437 -15.49 11.10 -4.11
C SER B 437 -13.98 10.99 -3.78
N SER B 438 -13.70 10.37 -2.64
CA SER B 438 -12.33 10.11 -2.20
C SER B 438 -12.43 9.15 -1.01
N TYR B 439 -11.31 8.60 -0.57
CA TYR B 439 -11.33 7.65 0.55
C TYR B 439 -10.07 7.73 1.45
N SER B 440 -10.26 7.60 2.76
CA SER B 440 -9.17 7.42 3.71
C SER B 440 -8.71 5.96 3.74
N VAL B 441 -7.53 5.67 3.21
CA VAL B 441 -7.17 4.27 3.01
C VAL B 441 -6.47 3.77 4.31
N GLY B 442 -6.42 4.62 5.33
CA GLY B 442 -5.94 4.23 6.65
C GLY B 442 -6.23 5.19 7.78
N GLU B 443 -5.20 5.58 8.52
CA GLU B 443 -5.42 6.34 9.74
C GLU B 443 -5.59 7.81 9.42
N GLU B 444 -6.33 8.50 10.29
CA GLU B 444 -6.72 9.87 10.03
C GLU B 444 -6.02 10.88 10.95
N VAL B 445 -6.27 12.14 10.67
CA VAL B 445 -5.69 13.22 11.45
C VAL B 445 -6.53 14.47 11.23
N ASP B 446 -6.50 15.36 12.19
CA ASP B 446 -7.38 16.50 12.18
C ASP B 446 -6.54 17.74 12.39
N TYR B 447 -6.80 18.76 11.61
CA TYR B 447 -6.02 19.99 11.68
C TYR B 447 -6.85 21.14 12.17
N GLY B 448 -8.10 20.86 12.49
CA GLY B 448 -9.02 21.89 12.96
C GLY B 448 -10.38 21.86 12.31
N PHE B 449 -10.51 21.15 11.20
CA PHE B 449 -11.77 21.11 10.45
C PHE B 449 -12.24 19.67 10.21
N GLY B 450 -11.68 18.72 10.95
CA GLY B 450 -12.15 17.34 10.84
C GLY B 450 -11.11 16.33 10.42
N ALA B 451 -11.37 15.06 10.74
CA ALA B 451 -10.39 14.01 10.52
C ALA B 451 -10.27 13.67 9.05
N ILE B 452 -9.07 13.83 8.52
CA ILE B 452 -8.83 13.59 7.11
C ILE B 452 -7.67 12.59 7.01
N SER B 453 -7.41 12.06 5.82
CA SER B 453 -6.35 11.08 5.63
C SER B 453 -5.00 11.63 6.10
N LYS B 454 -4.20 10.81 6.79
CA LYS B 454 -2.86 11.20 7.21
C LYS B 454 -1.92 10.97 6.04
N GLY B 455 -1.99 9.82 5.40
CA GLY B 455 -1.19 9.60 4.22
C GLY B 455 -1.79 10.32 3.03
N VAL B 456 -0.96 10.92 2.20
CA VAL B 456 -1.45 11.54 0.99
C VAL B 456 -0.79 10.86 -0.22
N SER B 457 -0.62 9.56 -0.10
CA SER B 457 0.17 8.81 -1.06
C SER B 457 -0.69 8.17 -2.15
N SER B 458 -2.00 8.34 -2.03
CA SER B 458 -2.94 7.91 -3.06
C SER B 458 -2.60 8.49 -4.43
N PRO B 459 -2.43 7.64 -5.46
CA PRO B 459 -2.13 8.25 -6.76
C PRO B 459 -3.30 9.03 -7.32
N TYR B 460 -4.50 8.81 -6.79
CA TYR B 460 -5.66 9.66 -7.12
C TYR B 460 -5.85 10.63 -5.94
N LEU B 461 -5.35 11.85 -6.11
CA LEU B 461 -5.48 12.90 -5.09
C LEU B 461 -6.17 14.15 -5.62
N PRO B 462 -7.42 14.05 -6.12
CA PRO B 462 -8.05 15.22 -6.74
C PRO B 462 -8.32 16.37 -5.80
N PHE B 463 -8.36 16.12 -4.50
CA PHE B 463 -8.72 17.19 -3.59
C PHE B 463 -7.55 17.54 -2.71
N GLY B 464 -6.35 17.12 -3.13
CA GLY B 464 -5.15 17.26 -2.33
C GLY B 464 -5.24 16.52 -1.02
N GLY B 465 -4.47 16.99 -0.06
CA GLY B 465 -4.55 16.45 1.29
C GLY B 465 -3.68 17.25 2.24
N GLY B 466 -3.80 16.92 3.52
CA GLY B 466 -3.02 17.63 4.51
C GLY B 466 -3.86 18.79 4.97
N ARG B 467 -3.23 19.76 5.61
CA ARG B 467 -3.96 20.83 6.26
C ARG B 467 -4.74 21.68 5.25
N HIS B 468 -4.20 21.84 4.06
CA HIS B 468 -4.84 22.63 3.02
C HIS B 468 -5.84 21.85 2.15
N ARG B 469 -6.06 20.59 2.49
CA ARG B 469 -7.04 19.74 1.79
C ARG B 469 -8.40 20.44 1.63
N CYS B 470 -9.05 20.13 0.52
CA CYS B 470 -10.32 20.72 0.14
C CYS B 470 -11.41 20.36 1.13
N ILE B 471 -12.43 21.20 1.23
CA ILE B 471 -13.61 20.88 2.00
C ILE B 471 -14.88 21.04 1.18
N GLY B 472 -14.77 21.12 -0.14
CA GLY B 472 -15.93 21.32 -0.98
C GLY B 472 -16.28 20.08 -1.79
N GLU B 473 -15.55 19.02 -1.53
CA GLU B 473 -15.72 17.81 -2.30
C GLU B 473 -17.17 17.35 -2.30
N HIS B 474 -17.78 17.31 -1.12
CA HIS B 474 -19.12 16.77 -1.05
C HIS B 474 -20.11 17.76 -1.61
N PHE B 475 -19.86 19.06 -1.42
CA PHE B 475 -20.70 20.03 -2.09
C PHE B 475 -20.60 19.88 -3.61
N ALA B 476 -19.38 19.73 -4.12
CA ALA B 476 -19.21 19.69 -5.54
C ALA B 476 -19.89 18.46 -6.14
N TYR B 477 -19.75 17.31 -5.47
CA TYR B 477 -20.41 16.11 -5.94
C TYR B 477 -21.92 16.25 -5.84
N CYS B 478 -22.38 16.99 -4.84
CA CYS B 478 -23.82 17.21 -4.73
C CYS B 478 -24.34 18.01 -5.93
N GLN B 479 -23.70 19.16 -6.17
CA GLN B 479 -24.07 20.07 -7.25
C GLN B 479 -23.97 19.38 -8.62
N LEU B 480 -22.80 18.79 -8.87
CA LEU B 480 -22.53 18.07 -10.10
C LEU B 480 -23.46 16.86 -10.29
N GLY B 481 -23.81 16.20 -9.19
CA GLY B 481 -24.75 15.09 -9.22
C GLY B 481 -26.14 15.51 -9.69
N VAL B 482 -26.72 16.48 -9.00
CA VAL B 482 -28.05 16.97 -9.33
C VAL B 482 -28.09 17.51 -10.76
N LEU B 483 -27.06 18.29 -11.10
CA LEU B 483 -26.93 18.83 -12.44
C LEU B 483 -26.98 17.75 -13.48
N MET B 484 -26.14 16.73 -13.31
CA MET B 484 -26.03 15.69 -14.32
C MET B 484 -27.22 14.73 -14.30
N SER B 485 -27.76 14.46 -13.12
CA SER B 485 -28.97 13.66 -13.04
C SER B 485 -30.07 14.21 -13.95
N ILE B 486 -30.25 15.52 -13.90
CA ILE B 486 -31.29 16.20 -14.65
C ILE B 486 -30.95 16.31 -16.14
N PHE B 487 -29.67 16.58 -16.41
CA PHE B 487 -29.25 16.65 -17.78
C PHE B 487 -29.55 15.34 -18.47
N ILE B 488 -29.11 14.24 -17.83
CA ILE B 488 -29.25 12.90 -18.39
C ILE B 488 -30.73 12.54 -18.61
N ARG B 489 -31.57 12.83 -17.65
CA ARG B 489 -33.00 12.51 -17.75
C ARG B 489 -33.77 13.39 -18.74
N THR B 490 -33.22 14.56 -19.08
CA THR B 490 -33.96 15.53 -19.88
C THR B 490 -33.47 15.55 -21.32
N LEU B 491 -32.18 15.30 -21.50
CA LEU B 491 -31.53 15.54 -22.78
C LEU B 491 -30.67 14.38 -23.22
N LYS B 492 -30.50 14.27 -24.54
CA LYS B 492 -29.39 13.56 -25.17
C LYS B 492 -28.50 14.61 -25.77
N TRP B 493 -27.23 14.29 -25.98
CA TRP B 493 -26.40 15.32 -26.62
C TRP B 493 -25.20 14.72 -27.37
N HIS B 494 -24.76 15.44 -28.40
CA HIS B 494 -23.68 15.00 -29.28
C HIS B 494 -22.94 16.21 -29.81
N TYR B 495 -21.83 15.95 -30.50
CA TYR B 495 -21.01 16.98 -31.16
C TYR B 495 -21.51 17.38 -32.56
N PRO B 496 -21.09 18.55 -33.03
CA PRO B 496 -21.30 18.79 -34.46
C PRO B 496 -20.39 17.89 -35.27
N GLU B 497 -20.62 17.83 -36.57
CA GLU B 497 -19.78 17.08 -37.50
C GLU B 497 -18.27 17.24 -37.23
N GLY B 498 -17.55 16.14 -37.15
CA GLY B 498 -16.09 16.21 -37.08
C GLY B 498 -15.50 16.88 -35.85
N LYS B 499 -16.36 17.17 -34.86
CA LYS B 499 -15.93 17.72 -33.59
C LYS B 499 -15.63 16.61 -32.61
N THR B 500 -14.86 16.95 -31.57
CA THR B 500 -14.57 16.01 -30.49
C THR B 500 -14.11 16.76 -29.26
N VAL B 501 -13.62 16.05 -28.27
CA VAL B 501 -13.24 16.64 -27.01
C VAL B 501 -12.12 17.64 -27.22
N PRO B 502 -12.37 18.92 -26.88
CA PRO B 502 -11.32 19.92 -27.01
C PRO B 502 -10.14 19.60 -26.09
N PRO B 503 -8.95 20.08 -26.45
CA PRO B 503 -7.76 19.94 -25.59
C PRO B 503 -7.77 21.08 -24.58
N PRO B 504 -7.12 20.91 -23.42
CA PRO B 504 -7.30 21.82 -22.29
C PRO B 504 -6.53 23.11 -22.42
N ASP B 505 -7.12 24.22 -22.00
CA ASP B 505 -6.42 25.50 -21.91
C ASP B 505 -5.81 25.75 -20.52
N PHE B 506 -4.52 25.46 -20.38
CA PHE B 506 -3.87 25.45 -19.07
C PHE B 506 -3.52 26.85 -18.54
N THR B 507 -3.57 27.83 -19.44
CA THR B 507 -3.09 29.15 -19.12
C THR B 507 -3.99 29.87 -18.14
N SER B 508 -5.26 29.49 -18.08
CA SER B 508 -6.17 30.11 -17.11
C SER B 508 -5.76 29.69 -15.71
N MET B 509 -6.58 29.99 -14.72
CA MET B 509 -6.22 29.51 -13.40
C MET B 509 -6.60 28.00 -13.28
N VAL B 510 -7.74 27.62 -13.88
CA VAL B 510 -8.15 26.21 -13.90
C VAL B 510 -8.07 25.71 -15.35
N THR B 511 -7.90 24.40 -15.53
CA THR B 511 -7.78 23.85 -16.87
C THR B 511 -9.14 23.72 -17.52
N LEU B 512 -9.52 24.76 -18.24
CA LEU B 512 -10.75 24.77 -19.03
C LEU B 512 -10.52 24.14 -20.38
N PRO B 513 -11.60 23.66 -21.00
CA PRO B 513 -11.49 23.23 -22.39
C PRO B 513 -11.34 24.44 -23.30
N THR B 514 -10.74 24.24 -24.46
CA THR B 514 -10.58 25.30 -25.43
C THR B 514 -11.88 25.55 -26.17
N GLY B 515 -12.49 26.69 -25.89
CA GLY B 515 -13.74 27.09 -26.52
C GLY B 515 -13.49 27.64 -27.92
N PRO B 516 -14.51 27.60 -28.78
CA PRO B 516 -15.83 27.14 -28.37
C PRO B 516 -15.89 25.61 -28.31
N ALA B 517 -16.49 25.13 -27.23
CA ALA B 517 -16.75 23.72 -27.06
C ALA B 517 -18.25 23.56 -27.15
N LYS B 518 -18.73 23.23 -28.34
CA LYS B 518 -20.17 23.24 -28.57
C LYS B 518 -20.72 21.82 -28.61
N ILE B 519 -21.93 21.67 -28.07
CA ILE B 519 -22.66 20.42 -28.21
C ILE B 519 -24.10 20.69 -28.65
N ILE B 520 -24.68 19.74 -29.37
CA ILE B 520 -26.06 19.81 -29.74
C ILE B 520 -26.89 18.98 -28.74
N TRP B 521 -27.89 19.59 -28.13
CA TRP B 521 -28.81 18.86 -27.29
C TRP B 521 -30.11 18.64 -28.02
N GLU B 522 -30.88 17.68 -27.56
CA GLU B 522 -32.24 17.44 -28.01
C GLU B 522 -33.03 16.80 -26.88
N LYS B 523 -34.31 17.15 -26.78
CA LYS B 523 -35.15 16.72 -25.69
C LYS B 523 -35.39 15.22 -25.81
N ARG B 524 -35.39 14.54 -24.66
CA ARG B 524 -35.67 13.13 -24.64
C ARG B 524 -37.15 12.97 -24.82
N ASN B 525 -37.86 14.02 -24.43
CA ASN B 525 -39.29 14.05 -24.49
C ASN B 525 -39.68 15.44 -24.94
N PRO B 526 -39.82 15.61 -26.26
CA PRO B 526 -40.11 16.87 -26.95
C PRO B 526 -41.35 17.56 -26.39
N GLU B 527 -42.27 16.77 -25.86
CA GLU B 527 -43.55 17.29 -25.41
C GLU B 527 -43.56 17.61 -23.92
N GLN B 528 -42.41 17.45 -23.28
CA GLN B 528 -42.29 17.82 -21.87
C GLN B 528 -42.24 19.35 -21.65
N LYS B 529 -43.05 19.81 -20.71
CA LYS B 529 -43.05 21.22 -20.37
C LYS B 529 -42.56 21.34 -18.95
N ILE B 530 -41.59 22.22 -18.73
CA ILE B 530 -41.17 22.57 -17.36
C ILE B 530 -42.21 23.55 -16.84
N GLY B 531 -42.73 23.29 -15.64
CA GLY B 531 -43.76 24.13 -15.06
C GLY B 531 -43.28 25.47 -14.55
N GLY B 532 -44.06 26.09 -13.68
CA GLY B 532 -43.69 27.38 -13.13
C GLY B 532 -43.98 28.56 -14.04
N ARG B 533 -43.69 29.76 -13.55
CA ARG B 533 -43.99 30.95 -14.32
C ARG B 533 -42.73 31.79 -14.64
N HIS B 534 -42.72 32.30 -15.86
CA HIS B 534 -41.65 33.10 -16.40
C HIS B 534 -42.22 34.39 -16.98
CHA HEM C . 16.78 -25.21 8.82
CHB HEM C . 13.35 -21.71 9.03
CHC HEM C . 12.90 -22.09 4.23
CHD HEM C . 16.06 -25.72 4.06
C1A HEM C . 15.89 -24.24 9.26
C2A HEM C . 15.75 -23.87 10.64
C3A HEM C . 14.82 -22.90 10.72
C4A HEM C . 14.32 -22.64 9.38
CMA HEM C . 14.31 -22.19 11.98
CAA HEM C . 16.58 -24.53 11.74
CBA HEM C . 15.92 -25.79 12.27
CGA HEM C . 16.54 -26.14 13.60
O1A HEM C . 16.02 -27.03 14.34
O2A HEM C . 17.58 -25.53 13.93
C1B HEM C . 12.94 -21.48 7.73
C2B HEM C . 12.04 -20.46 7.28
C3B HEM C . 11.93 -20.59 5.93
C4B HEM C . 12.77 -21.67 5.53
CMB HEM C . 11.35 -19.43 8.19
CAB HEM C . 11.11 -19.80 4.86
CBB HEM C . 10.26 -18.83 5.16
C1C HEM C . 13.72 -23.06 3.76
C2C HEM C . 13.98 -23.36 2.36
C3C HEM C . 14.85 -24.37 2.33
C4C HEM C . 15.19 -24.72 3.69
CMC HEM C . 13.33 -22.63 1.17
CAC HEM C . 15.50 -25.10 1.13
CBC HEM C . 15.36 -24.69 -0.14
C1D HEM C . 16.61 -25.90 5.31
C2D HEM C . 17.74 -26.76 5.58
C3D HEM C . 17.98 -26.61 7.08
C4D HEM C . 16.97 -25.67 7.55
CMD HEM C . 18.53 -27.64 4.60
CAD HEM C . 19.09 -27.36 7.84
CBD HEM C . 18.46 -28.12 8.99
CGD HEM C . 19.48 -28.84 9.83
O1D HEM C . 20.71 -28.74 9.54
O2D HEM C . 19.04 -29.49 10.79
NA HEM C . 15.00 -23.46 8.51
NB HEM C . 13.37 -22.21 6.64
NC HEM C . 14.48 -23.90 4.56
ND HEM C . 16.19 -25.28 6.48
FE HEM C . 14.87 -23.65 6.55
C1 FQC D . 11.63 -30.03 10.68
C2 FQC D . 11.43 -28.67 10.97
C3 FQC D . 10.86 -28.32 12.19
C4 FQC D . 10.49 -29.30 13.11
C5 FQC D . 10.70 -30.61 12.78
C6 FQC D . 11.24 -31.01 11.58
F7 FQC D . 10.34 -31.56 13.67
C8 FQC D . 12.29 -30.41 9.42
N9 FQC D . 12.68 -29.33 8.62
C10 FQC D . 12.38 -28.03 8.97
N11 FQC D . 11.82 -27.66 10.10
N12 FQC D . 12.61 -27.03 7.99
N13 FQC D . 11.99 -27.09 6.76
C14 FQC D . 12.49 -26.03 6.16
N15 FQC D . 13.36 -25.31 6.90
C16 FQC D . 13.40 -25.96 8.04
O17 FQC D . 12.50 -31.55 9.07
C18 FQC D . 13.48 -29.64 7.46
C19 FQC D . 12.92 -30.06 6.28
C20 FQC D . 13.72 -30.34 5.16
C21 FQC D . 15.07 -30.19 5.31
C22 FQC D . 15.66 -29.77 6.47
C23 FQC D . 14.85 -29.49 7.56
CL1 FQC D . 11.21 -30.29 6.13
CL2 FQC D . 16.10 -30.64 3.96
CHA HEM E . -8.58 23.16 -1.52
CHB HEM E . -9.59 20.70 -5.58
CHC HEM E . -14.14 22.34 -5.21
CHD HEM E . -13.09 24.99 -1.39
C1A HEM E . -8.47 22.37 -2.63
C2A HEM E . -7.24 21.75 -3.05
C3A HEM E . -7.51 21.07 -4.17
C4A HEM E . -8.91 21.23 -4.50
CMA HEM E . -6.52 20.23 -5.01
CAA HEM E . -5.91 21.90 -2.29
CBA HEM E . -5.21 23.19 -2.71
CGA HEM E . -3.76 23.27 -2.26
O1A HEM E . -3.02 24.22 -2.69
O2A HEM E . -3.31 22.40 -1.49
C1B HEM E . -10.94 20.91 -5.82
C2B HEM E . -11.74 20.31 -6.86
C3B HEM E . -13.00 20.80 -6.72
C4B HEM E . -13.00 21.69 -5.60
CMB HEM E . -11.21 19.32 -7.91
CAB HEM E . -14.31 20.55 -7.52
CBB HEM E . -14.41 19.68 -8.52
C1C HEM E . -14.28 23.15 -4.12
C2C HEM E . -15.53 23.68 -3.63
C3C HEM E . -15.23 24.42 -2.55
C4C HEM E . -13.80 24.38 -2.37
CMC HEM E . -16.91 23.37 -4.27
CAC HEM E . -16.15 25.21 -1.60
CBC HEM E . -17.47 25.28 -1.76
C1D HEM E . -11.80 24.67 -1.03
C2D HEM E . -11.19 25.11 0.20
C3D HEM E . -9.77 24.56 0.18
C4D HEM E . -9.69 23.83 -1.08
CMD HEM E . -11.83 25.97 1.31
CAD HEM E . -8.72 24.75 1.30
CBD HEM E . -7.45 25.42 0.80
CGD HEM E . -6.53 25.65 1.98
O1D HEM E . -6.88 25.30 3.15
O2D HEM E . -5.43 26.19 1.75
NA HEM E . -9.47 22.04 -3.53
NB HEM E . -11.75 21.76 -5.06
NC HEM E . -13.23 23.59 -3.35
ND HEM E . -10.89 23.92 -1.75
FE HEM E . -11.36 22.80 -3.35
C1 FQC F . -6.02 28.60 -5.52
C2 FQC F . -6.11 27.31 -6.05
C3 FQC F . -5.07 26.81 -6.83
C4 FQC F . -3.94 27.57 -7.07
C5 FQC F . -3.88 28.83 -6.55
C6 FQC F . -4.89 29.39 -5.79
F7 FQC F . -2.75 29.56 -6.77
C8 FQC F . -7.06 29.11 -4.62
N9 FQC F . -8.09 28.20 -4.37
C10 FQC F . -8.12 26.97 -4.99
N11 FQC F . -7.19 26.49 -5.77
N12 FQC F . -9.27 26.17 -4.87
N13 FQC F . -10.52 26.68 -5.16
C14 FQC F . -11.29 25.64 -4.93
N15 FQC F . -10.64 24.52 -4.55
C16 FQC F . -9.38 24.90 -4.52
O17 FQC F . -7.08 30.22 -4.08
C18 FQC F . -9.07 28.53 -3.39
C19 FQC F . -10.15 29.37 -3.66
C20 FQC F . -11.09 29.66 -2.72
C21 FQC F . -10.95 29.10 -1.46
C22 FQC F . -9.91 28.26 -1.15
C23 FQC F . -8.96 27.97 -2.12
CL1 FQC F . -10.26 30.14 -5.21
CL2 FQC F . -12.06 29.57 -0.21
#